data_7VCR
#
_entry.id   7VCR
#
_cell.length_a   61.480
_cell.length_b   70.875
_cell.length_c   82.466
_cell.angle_alpha   80.087
_cell.angle_beta   87.024
_cell.angle_gamma   87.700
#
_symmetry.space_group_name_H-M   'P 1'
#
loop_
_entity.id
_entity.type
_entity.pdbx_description
1 polymer 'von Willebrand factor type A domain protein'
2 polymer 'von Willebrand factor type A domain protein'
3 water water
#
loop_
_entity_poly.entity_id
_entity_poly.type
_entity_poly.pdbx_seq_one_letter_code
_entity_poly.pdbx_strand_id
1 'polypeptide(L)' EPQTTLHKTITPISGQDDKYELSLDITSKL C,D
2 'polypeptide(L)'
;GIHHVSIKDVLSKYVQLLPNGSSEFRVVKEKDGSSEILTENQVTFDTKTTSEGLVEVTAKFSPNYSLEDGARYVLKFTVT
SSQEALDAIAGDKKLEAGDAEGSDVNKLYSNKGASVTYSYGIGNSQTKTKEYSDNPTFKPSDPLTVPVEVEWQGVTGART
VITADQPSNVELKLVQKNKNGGSDNQDYRKTNVNVSKNVSNETRNFEKVAKGYQYDLIAPDVPAFTKEIKNVGTESNPSF
KVIYKQLPSLTIKKVLEAENNLNKEFRIKVKLTSPDSKPLNGTFGEITVVNGEAEIRVEKRKRWRGILSYLPRGTHYKVE
EEAASTNGYHVTYENQEGDLNKDETSTVTNHKLPSLSVTKKVTGVFANLLKSFKITINIRDAQNSPLNGTYTATVNNKRT
PLQFTNGRASIDLNKDQTIKIDGLPLDSHYTVEEETNSSRGYQVSYENQEGKLDGDKSATVTNNKN
;
A,B
#
# COMPACT_ATOMS: atom_id res chain seq x y z
N GLU A 1 -30.90 13.09 -63.09
CA GLU A 1 -30.41 13.31 -61.68
C GLU A 1 -29.20 12.43 -61.36
N PRO A 2 -28.17 12.95 -60.66
CA PRO A 2 -27.04 12.10 -60.22
C PRO A 2 -27.46 10.88 -59.39
N GLN A 3 -26.72 9.78 -59.55
CA GLN A 3 -26.93 8.58 -58.76
C GLN A 3 -26.02 8.72 -57.52
N THR A 4 -26.56 8.33 -56.36
CA THR A 4 -25.80 8.40 -55.12
C THR A 4 -25.89 7.07 -54.42
N THR A 5 -24.79 6.66 -53.76
CA THR A 5 -24.86 5.48 -52.95
C THR A 5 -24.39 5.87 -51.53
N LEU A 6 -24.97 5.24 -50.52
CA LEU A 6 -24.82 5.60 -49.10
C LEU A 6 -24.39 4.35 -48.39
N HIS A 7 -23.29 4.39 -47.61
CA HIS A 7 -22.97 3.25 -46.75
C HIS A 7 -22.66 3.79 -45.34
N LYS A 8 -23.14 3.07 -44.33
CA LYS A 8 -22.88 3.40 -42.94
C LYS A 8 -22.36 2.16 -42.20
N THR A 9 -21.21 2.34 -41.50
CA THR A 9 -20.68 1.25 -40.65
C THR A 9 -20.32 1.77 -39.26
N ILE A 10 -20.19 0.85 -38.29
CA ILE A 10 -19.55 1.16 -37.01
C ILE A 10 -18.44 0.13 -36.79
N THR A 11 -17.28 0.56 -36.29
CA THR A 11 -16.13 -0.31 -36.15
C THR A 11 -15.56 -0.11 -34.73
N PRO A 12 -15.42 -1.14 -33.87
CA PRO A 12 -14.72 -0.99 -32.58
C PRO A 12 -13.32 -0.44 -32.81
N ILE A 13 -12.84 0.46 -31.96
CA ILE A 13 -11.48 0.95 -32.10
C ILE A 13 -10.58 -0.05 -31.34
N SER A 14 -9.70 -0.72 -32.07
CA SER A 14 -8.81 -1.74 -31.52
C SER A 14 -8.04 -1.21 -30.27
N GLY A 15 -8.06 -1.98 -29.19
CA GLY A 15 -7.32 -1.72 -27.95
C GLY A 15 -7.95 -0.59 -27.14
N GLN A 16 -9.20 -0.15 -27.45
CA GLN A 16 -9.85 0.82 -26.58
C GLN A 16 -11.27 0.35 -26.30
N ASP A 17 -11.48 -0.16 -25.11
CA ASP A 17 -12.76 -0.68 -24.66
C ASP A 17 -13.87 0.37 -24.86
N ASP A 18 -15.01 -0.09 -25.33
CA ASP A 18 -16.22 0.75 -25.37
C ASP A 18 -16.04 1.94 -26.35
N LYS A 19 -15.04 1.93 -27.27
CA LYS A 19 -14.96 3.02 -28.23
C LYS A 19 -15.15 2.49 -29.66
N TYR A 20 -15.89 3.26 -30.50
CA TYR A 20 -16.32 2.76 -31.83
C TYR A 20 -16.28 3.95 -32.78
N GLU A 21 -15.89 3.71 -34.03
CA GLU A 21 -15.85 4.79 -35.01
C GLU A 21 -17.06 4.60 -35.94
N LEU A 22 -17.89 5.61 -36.04
CA LEU A 22 -19.00 5.58 -37.00
C LEU A 22 -18.48 6.19 -38.32
N SER A 23 -18.98 5.61 -39.44
CA SER A 23 -18.62 6.08 -40.75
C SER A 23 -19.88 6.19 -41.61
N LEU A 24 -20.20 7.42 -42.04
CA LEU A 24 -21.42 7.62 -42.86
C LEU A 24 -20.97 8.24 -44.20
N ASP A 25 -21.10 7.46 -45.30
CA ASP A 25 -20.54 7.98 -46.54
C ASP A 25 -21.60 8.26 -47.61
N ILE A 26 -21.15 9.07 -48.59
CA ILE A 26 -21.95 9.30 -49.77
C ILE A 26 -20.97 9.37 -50.95
N THR A 27 -21.32 8.70 -52.05
CA THR A 27 -20.61 8.84 -53.33
C THR A 27 -21.62 9.21 -54.42
N SER A 28 -21.24 10.16 -55.29
CA SER A 28 -22.15 10.67 -56.32
C SER A 28 -21.56 10.42 -57.71
N LYS A 29 -22.39 9.96 -58.65
CA LYS A 29 -22.03 9.79 -60.06
C LYS A 29 -22.94 10.65 -60.94
N LEU A 30 -22.40 11.35 -61.96
CA LEU A 30 -23.11 12.37 -62.73
C LEU A 30 -24.36 11.83 -63.43
N GLY B 1 -22.70 18.82 -60.31
CA GLY B 1 -22.64 17.90 -59.15
C GLY B 1 -23.82 18.15 -58.19
N ILE B 2 -23.89 17.39 -57.09
CA ILE B 2 -24.83 17.59 -56.01
C ILE B 2 -24.23 18.60 -55.02
N HIS B 3 -25.08 19.43 -54.43
CA HIS B 3 -24.63 20.54 -53.59
C HIS B 3 -25.62 20.70 -52.44
N HIS B 4 -25.43 21.70 -51.59
CA HIS B 4 -26.23 21.83 -50.35
C HIS B 4 -26.32 20.49 -49.61
N VAL B 5 -25.18 19.84 -49.48
CA VAL B 5 -25.20 18.48 -48.96
C VAL B 5 -25.21 18.53 -47.40
N SER B 6 -25.94 17.65 -46.76
CA SER B 6 -25.75 17.45 -45.31
C SER B 6 -25.86 15.97 -44.98
N ILE B 7 -25.06 15.48 -44.00
CA ILE B 7 -25.19 14.12 -43.55
C ILE B 7 -25.59 14.15 -42.08
N LYS B 8 -26.52 13.28 -41.70
CA LYS B 8 -27.14 13.37 -40.37
C LYS B 8 -27.13 11.96 -39.78
N ASP B 9 -26.75 11.83 -38.48
CA ASP B 9 -26.99 10.56 -37.80
C ASP B 9 -27.69 10.87 -36.48
N VAL B 10 -28.73 10.10 -36.11
CA VAL B 10 -29.37 10.22 -34.80
C VAL B 10 -28.82 9.06 -33.96
N LEU B 11 -28.13 9.37 -32.88
CA LEU B 11 -27.47 8.32 -32.08
C LEU B 11 -28.49 7.71 -31.10
N SER B 12 -28.50 6.37 -30.97
CA SER B 12 -29.34 5.69 -30.02
C SER B 12 -28.90 6.03 -28.58
N LYS B 13 -29.73 5.63 -27.62
CA LYS B 13 -29.42 5.90 -26.20
C LYS B 13 -28.24 5.02 -25.77
N TYR B 14 -27.77 4.11 -26.68
CA TYR B 14 -26.70 3.18 -26.28
C TYR B 14 -25.30 3.73 -26.55
N VAL B 15 -25.17 4.87 -27.27
CA VAL B 15 -23.85 5.44 -27.48
C VAL B 15 -23.93 6.91 -27.13
N GLN B 16 -22.77 7.57 -27.07
CA GLN B 16 -22.69 9.01 -26.90
C GLN B 16 -21.35 9.49 -27.45
N LEU B 17 -21.28 10.80 -27.70
CA LEU B 17 -20.04 11.41 -28.17
C LEU B 17 -19.07 11.50 -27.00
N LEU B 18 -17.82 11.75 -27.33
CA LEU B 18 -16.76 11.86 -26.36
C LEU B 18 -16.78 13.30 -25.87
N PRO B 19 -16.14 13.63 -24.71
CA PRO B 19 -16.11 15.01 -24.21
C PRO B 19 -15.26 15.95 -25.09
N ASN B 20 -15.65 17.24 -25.21
CA ASN B 20 -14.78 18.32 -25.74
C ASN B 20 -14.20 18.04 -27.13
N GLY B 21 -15.07 17.79 -28.13
CA GLY B 21 -14.61 17.50 -29.48
C GLY B 21 -13.54 16.40 -29.61
N SER B 22 -13.44 15.51 -28.62
CA SER B 22 -12.63 14.28 -28.75
C SER B 22 -13.26 13.30 -29.76
N SER B 23 -14.55 13.53 -30.11
CA SER B 23 -15.25 12.78 -31.12
C SER B 23 -14.56 12.92 -32.49
N GLU B 24 -13.86 14.09 -32.68
CA GLU B 24 -12.99 14.47 -33.79
C GLU B 24 -13.80 14.40 -35.10
N PHE B 25 -14.93 15.09 -35.14
CA PHE B 25 -15.74 15.08 -36.34
C PHE B 25 -14.87 15.47 -37.54
N ARG B 26 -14.95 14.67 -38.62
CA ARG B 26 -14.26 15.05 -39.85
C ARG B 26 -14.99 14.45 -41.06
N VAL B 27 -14.87 15.11 -42.23
CA VAL B 27 -15.33 14.51 -43.48
C VAL B 27 -14.08 14.30 -44.35
N VAL B 28 -13.86 13.05 -44.78
CA VAL B 28 -12.71 12.73 -45.62
C VAL B 28 -13.25 12.58 -47.05
N LYS B 29 -12.56 13.20 -48.00
CA LYS B 29 -12.82 12.97 -49.41
C LYS B 29 -11.82 11.92 -49.96
N GLU B 30 -12.30 10.80 -50.51
CA GLU B 30 -11.44 9.76 -51.03
C GLU B 30 -11.68 9.61 -52.53
N LYS B 31 -10.60 9.75 -53.28
CA LYS B 31 -10.65 9.66 -54.74
C LYS B 31 -9.31 9.18 -55.24
N ASP B 32 -9.32 8.14 -56.09
CA ASP B 32 -8.13 7.65 -56.79
C ASP B 32 -7.12 7.21 -55.73
N GLY B 33 -7.61 6.63 -54.63
CA GLY B 33 -6.73 6.12 -53.60
C GLY B 33 -6.06 7.18 -52.70
N SER B 34 -6.41 8.45 -52.88
CA SER B 34 -5.93 9.54 -52.03
C SER B 34 -7.03 10.03 -51.08
N SER B 35 -6.66 10.54 -49.90
CA SER B 35 -7.65 10.95 -48.88
C SER B 35 -7.33 12.35 -48.43
N GLU B 36 -8.34 13.19 -48.41
CA GLU B 36 -8.05 14.50 -47.83
C GLU B 36 -9.21 14.93 -46.92
N ILE B 37 -8.93 15.82 -45.97
CA ILE B 37 -9.88 16.23 -44.96
C ILE B 37 -10.45 17.57 -45.39
N LEU B 38 -11.78 17.67 -45.47
CA LEU B 38 -12.44 18.94 -45.74
C LEU B 38 -12.12 19.95 -44.63
N THR B 39 -11.87 21.21 -45.00
CA THR B 39 -11.52 22.25 -44.03
C THR B 39 -12.80 22.80 -43.39
N GLU B 40 -12.64 23.72 -42.45
CA GLU B 40 -13.74 24.41 -41.77
C GLU B 40 -14.50 25.32 -42.73
N ASN B 41 -13.87 25.74 -43.82
CA ASN B 41 -14.59 26.51 -44.81
C ASN B 41 -15.42 25.63 -45.73
N GLN B 42 -15.30 24.30 -45.61
CA GLN B 42 -16.00 23.40 -46.52
C GLN B 42 -17.07 22.60 -45.77
N VAL B 43 -16.92 22.51 -44.43
CA VAL B 43 -17.94 21.75 -43.71
C VAL B 43 -18.01 22.27 -42.29
N THR B 44 -19.21 22.21 -41.70
CA THR B 44 -19.52 22.63 -40.35
C THR B 44 -20.26 21.46 -39.70
N PHE B 45 -20.01 21.19 -38.41
CA PHE B 45 -20.67 20.10 -37.66
C PHE B 45 -21.59 20.72 -36.62
N ASP B 46 -22.77 20.14 -36.50
CA ASP B 46 -23.63 20.60 -35.42
C ASP B 46 -24.13 19.38 -34.63
N THR B 47 -24.36 19.60 -33.33
CA THR B 47 -24.93 18.59 -32.48
C THR B 47 -26.21 19.17 -31.87
N LYS B 48 -27.31 18.43 -31.91
CA LYS B 48 -28.55 18.96 -31.33
C LYS B 48 -29.23 17.80 -30.60
N THR B 49 -30.12 18.14 -29.66
CA THR B 49 -31.06 17.20 -29.06
C THR B 49 -32.37 17.15 -29.87
N THR B 50 -32.84 15.94 -30.26
CA THR B 50 -34.11 15.76 -30.95
C THR B 50 -35.24 15.92 -29.92
N SER B 51 -36.51 15.88 -30.37
CA SER B 51 -37.65 16.04 -29.45
C SER B 51 -37.83 14.84 -28.52
N GLU B 52 -37.30 13.65 -28.92
CA GLU B 52 -37.36 12.46 -28.10
C GLU B 52 -36.08 12.32 -27.29
N GLY B 53 -35.27 13.37 -27.21
CA GLY B 53 -34.13 13.41 -26.30
C GLY B 53 -32.88 12.73 -26.82
N LEU B 54 -32.78 12.44 -28.13
CA LEU B 54 -31.58 11.81 -28.69
C LEU B 54 -30.62 12.85 -29.27
N VAL B 55 -29.34 12.46 -29.41
CA VAL B 55 -28.34 13.34 -29.92
C VAL B 55 -28.33 13.13 -31.43
N GLU B 56 -28.41 14.23 -32.17
CA GLU B 56 -28.35 14.17 -33.62
C GLU B 56 -27.14 14.94 -34.04
N VAL B 57 -26.33 14.31 -34.89
CA VAL B 57 -25.06 14.88 -35.32
C VAL B 57 -25.28 15.25 -36.81
N THR B 58 -24.96 16.48 -37.23
CA THR B 58 -25.07 16.84 -38.65
C THR B 58 -23.74 17.35 -39.17
N ALA B 59 -23.31 16.84 -40.32
CA ALA B 59 -22.22 17.49 -41.04
C ALA B 59 -22.85 18.30 -42.18
N LYS B 60 -22.75 19.63 -42.12
CA LYS B 60 -23.38 20.49 -43.15
C LYS B 60 -22.26 21.01 -44.03
N PHE B 61 -22.23 20.52 -45.30
CA PHE B 61 -21.22 20.96 -46.24
C PHE B 61 -21.48 22.45 -46.54
N SER B 62 -20.43 23.23 -46.77
CA SER B 62 -20.64 24.59 -47.20
C SER B 62 -21.62 24.58 -48.40
N PRO B 63 -22.67 25.47 -48.43
CA PRO B 63 -23.84 25.21 -49.29
C PRO B 63 -23.47 25.11 -50.78
N ASN B 64 -22.47 25.87 -51.21
CA ASN B 64 -22.12 25.89 -52.63
C ASN B 64 -21.03 24.88 -52.95
N TYR B 65 -20.62 24.05 -52.00
CA TYR B 65 -19.68 22.97 -52.29
C TYR B 65 -20.38 21.87 -53.09
N SER B 66 -19.81 21.46 -54.23
CA SER B 66 -20.35 20.38 -55.06
C SER B 66 -19.49 19.14 -54.90
N LEU B 67 -20.11 17.97 -54.78
CA LEU B 67 -19.32 16.77 -54.60
C LEU B 67 -18.65 16.42 -55.92
N GLU B 68 -17.33 16.17 -55.87
CA GLU B 68 -16.58 15.73 -57.02
C GLU B 68 -17.12 14.39 -57.49
N ASP B 69 -17.31 14.28 -58.81
CA ASP B 69 -17.76 13.04 -59.46
C ASP B 69 -16.95 11.82 -59.06
N GLY B 70 -17.66 10.76 -58.60
CA GLY B 70 -17.04 9.50 -58.24
C GLY B 70 -16.22 9.53 -56.95
N ALA B 71 -16.14 10.67 -56.22
CA ALA B 71 -15.35 10.69 -54.99
C ALA B 71 -16.21 10.19 -53.85
N ARG B 72 -15.61 9.44 -52.92
CA ARG B 72 -16.33 9.10 -51.70
C ARG B 72 -16.12 10.18 -50.63
N TYR B 73 -17.22 10.68 -50.07
CA TYR B 73 -17.14 11.60 -48.91
C TYR B 73 -17.68 10.87 -47.70
N VAL B 74 -16.89 10.81 -46.62
CA VAL B 74 -17.26 9.99 -45.47
C VAL B 74 -17.11 10.81 -44.17
N LEU B 75 -18.24 10.95 -43.48
CA LEU B 75 -18.26 11.57 -42.16
C LEU B 75 -17.72 10.52 -41.17
N LYS B 76 -16.66 10.88 -40.40
CA LYS B 76 -16.16 9.92 -39.38
C LYS B 76 -16.22 10.62 -38.01
N PHE B 77 -16.62 9.88 -36.97
CA PHE B 77 -16.51 10.37 -35.60
C PHE B 77 -16.55 9.17 -34.65
N THR B 78 -16.04 9.40 -33.43
CA THR B 78 -15.98 8.31 -32.44
C THR B 78 -17.13 8.45 -31.47
N VAL B 79 -17.71 7.32 -31.04
CA VAL B 79 -18.69 7.32 -29.96
C VAL B 79 -18.19 6.33 -28.91
N THR B 80 -18.81 6.40 -27.72
CA THR B 80 -18.45 5.46 -26.68
C THR B 80 -19.78 4.89 -26.15
N SER B 81 -19.75 3.68 -25.57
CA SER B 81 -20.95 3.11 -24.92
C SER B 81 -21.45 4.06 -23.83
N SER B 82 -22.78 4.34 -23.78
CA SER B 82 -23.40 5.14 -22.79
C SER B 82 -23.57 4.26 -21.54
N GLN B 83 -24.01 4.85 -20.43
CA GLN B 83 -24.29 4.07 -19.21
C GLN B 83 -25.33 3.01 -19.51
N GLU B 84 -26.30 3.35 -20.35
CA GLU B 84 -27.37 2.45 -20.71
C GLU B 84 -26.82 1.16 -21.34
N ALA B 85 -25.80 1.27 -22.20
CA ALA B 85 -25.23 0.08 -22.84
C ALA B 85 -24.46 -0.72 -21.75
N LEU B 86 -23.71 -0.03 -20.89
CA LEU B 86 -22.95 -0.72 -19.85
C LEU B 86 -23.88 -1.43 -18.87
N ASP B 87 -25.05 -0.81 -18.58
CA ASP B 87 -26.04 -1.45 -17.71
C ASP B 87 -26.63 -2.70 -18.38
N ALA B 88 -27.06 -2.58 -19.66
CA ALA B 88 -27.71 -3.65 -20.40
C ALA B 88 -26.78 -4.86 -20.49
N ILE B 89 -25.47 -4.65 -20.71
CA ILE B 89 -24.61 -5.82 -20.85
C ILE B 89 -24.34 -6.52 -19.49
N ALA B 90 -24.40 -5.78 -18.39
CA ALA B 90 -24.31 -6.35 -17.03
C ALA B 90 -25.63 -7.05 -16.67
N GLY B 91 -26.68 -6.86 -17.50
CA GLY B 91 -27.98 -7.48 -17.26
C GLY B 91 -28.87 -6.68 -16.31
N ASP B 92 -28.56 -5.39 -16.08
CA ASP B 92 -29.27 -4.55 -15.13
C ASP B 92 -30.45 -3.85 -15.84
N LYS B 93 -30.53 -3.89 -17.17
CA LYS B 93 -31.62 -3.20 -17.85
C LYS B 93 -32.19 -4.15 -18.90
N LYS B 94 -33.52 -4.23 -19.00
CA LYS B 94 -34.21 -4.99 -20.06
C LYS B 94 -34.12 -4.25 -21.38
N LEU B 95 -33.98 -4.95 -22.51
CA LEU B 95 -34.14 -4.33 -23.82
C LEU B 95 -35.61 -4.21 -24.19
N GLU B 96 -35.97 -3.19 -24.96
CA GLU B 96 -37.28 -3.09 -25.59
C GLU B 96 -37.12 -3.38 -27.08
N ALA B 97 -38.25 -3.56 -27.80
CA ALA B 97 -38.30 -3.80 -29.24
C ALA B 97 -37.59 -2.64 -29.93
N GLY B 98 -36.74 -2.92 -30.92
CA GLY B 98 -36.05 -1.82 -31.59
C GLY B 98 -34.66 -1.53 -31.04
N ASP B 99 -34.32 -2.04 -29.84
CA ASP B 99 -33.08 -1.63 -29.17
C ASP B 99 -31.89 -2.31 -29.83
N ALA B 100 -32.07 -3.58 -30.21
CA ALA B 100 -30.95 -4.37 -30.67
C ALA B 100 -31.42 -5.42 -31.69
N GLU B 101 -30.51 -5.88 -32.55
CA GLU B 101 -30.89 -6.89 -33.51
C GLU B 101 -31.23 -8.21 -32.81
N GLY B 102 -32.44 -8.71 -33.01
CA GLY B 102 -32.97 -9.90 -32.33
C GLY B 102 -32.93 -9.82 -30.80
N SER B 103 -33.11 -8.62 -30.21
CA SER B 103 -33.00 -8.41 -28.77
C SER B 103 -31.75 -8.98 -28.11
N ASP B 104 -30.62 -8.96 -28.82
CA ASP B 104 -29.36 -9.47 -28.30
C ASP B 104 -28.52 -8.26 -27.90
N VAL B 105 -28.12 -8.22 -26.62
CA VAL B 105 -27.34 -7.12 -26.08
C VAL B 105 -25.93 -7.06 -26.72
N ASN B 106 -25.49 -8.12 -27.43
CA ASN B 106 -24.27 -8.05 -28.20
C ASN B 106 -24.49 -7.36 -29.56
N LYS B 107 -25.72 -6.92 -29.86
CA LYS B 107 -25.99 -6.30 -31.16
C LYS B 107 -26.92 -5.09 -30.95
N LEU B 108 -26.48 -4.13 -30.10
CA LEU B 108 -27.21 -2.87 -29.91
C LEU B 108 -27.08 -2.03 -31.18
N TYR B 109 -28.20 -1.45 -31.67
CA TYR B 109 -28.08 -0.46 -32.73
C TYR B 109 -27.40 0.80 -32.24
N SER B 110 -26.45 1.34 -33.04
CA SER B 110 -25.83 2.61 -32.73
C SER B 110 -26.69 3.79 -33.17
N ASN B 111 -27.57 3.61 -34.18
CA ASN B 111 -28.28 4.72 -34.78
C ASN B 111 -29.77 4.54 -34.53
N LYS B 112 -30.50 5.65 -34.50
CA LYS B 112 -31.96 5.61 -34.60
C LYS B 112 -32.37 6.44 -35.84
N GLY B 113 -31.85 6.11 -37.02
CA GLY B 113 -32.05 6.86 -38.26
C GLY B 113 -30.85 7.73 -38.62
N ALA B 114 -30.52 7.67 -39.91
CA ALA B 114 -29.43 8.45 -40.44
C ALA B 114 -29.83 8.74 -41.87
N SER B 115 -29.35 9.85 -42.41
CA SER B 115 -29.78 10.12 -43.78
C SER B 115 -28.87 11.19 -44.34
N VAL B 116 -29.07 11.48 -45.64
CA VAL B 116 -28.28 12.48 -46.33
C VAL B 116 -29.32 13.30 -47.09
N THR B 117 -29.19 14.63 -47.07
CA THR B 117 -29.99 15.54 -47.88
C THR B 117 -29.05 16.24 -48.86
N TYR B 118 -29.50 16.49 -50.11
CA TYR B 118 -28.66 17.19 -51.08
C TYR B 118 -29.56 17.78 -52.18
N SER B 119 -28.97 18.70 -52.95
CA SER B 119 -29.69 19.35 -54.06
C SER B 119 -28.89 19.16 -55.33
N TYR B 120 -29.60 19.33 -56.47
CA TYR B 120 -28.92 19.22 -57.77
C TYR B 120 -29.73 20.04 -58.79
N GLY B 121 -29.06 20.55 -59.83
CA GLY B 121 -29.72 21.45 -60.76
C GLY B 121 -29.10 22.84 -60.57
N ILE B 122 -29.13 23.67 -61.62
CA ILE B 122 -28.87 25.12 -61.60
C ILE B 122 -30.24 25.75 -61.37
N GLY B 123 -30.31 27.09 -61.12
CA GLY B 123 -31.60 27.76 -60.96
C GLY B 123 -32.42 27.09 -59.84
N ASN B 124 -33.71 26.78 -60.07
CA ASN B 124 -34.50 26.11 -59.04
C ASN B 124 -34.11 24.63 -59.00
N SER B 125 -33.26 24.31 -58.01
CA SER B 125 -32.74 22.96 -57.90
C SER B 125 -33.83 22.03 -57.36
N GLN B 126 -33.56 20.72 -57.39
CA GLN B 126 -34.41 19.71 -56.76
C GLN B 126 -33.65 19.27 -55.49
N THR B 127 -34.38 18.93 -54.44
CA THR B 127 -33.84 18.47 -53.17
C THR B 127 -34.31 17.06 -52.87
N LYS B 128 -33.38 16.18 -52.42
CA LYS B 128 -33.75 14.82 -52.07
C LYS B 128 -33.17 14.55 -50.66
N THR B 129 -33.87 13.71 -49.91
CA THR B 129 -33.33 13.10 -48.69
C THR B 129 -33.32 11.58 -48.86
N LYS B 130 -32.18 10.89 -48.64
CA LYS B 130 -32.19 9.45 -48.64
C LYS B 130 -31.76 8.93 -47.25
N GLU B 131 -32.49 7.93 -46.75
CA GLU B 131 -32.22 7.26 -45.49
C GLU B 131 -31.10 6.26 -45.72
N TYR B 132 -30.14 6.14 -44.79
CA TYR B 132 -29.21 5.04 -44.91
C TYR B 132 -29.98 3.75 -44.64
N SER B 133 -29.70 2.69 -45.38
CA SER B 133 -30.40 1.43 -45.16
C SER B 133 -29.60 0.54 -44.20
N ASP B 134 -28.32 0.82 -43.99
CA ASP B 134 -27.54 0.07 -43.00
C ASP B 134 -27.97 0.48 -41.59
N ASN B 135 -28.08 -0.50 -40.71
CA ASN B 135 -28.41 -0.30 -39.30
C ASN B 135 -27.32 -0.97 -38.42
N PRO B 136 -26.12 -0.40 -38.28
CA PRO B 136 -25.02 -1.10 -37.66
C PRO B 136 -25.22 -1.38 -36.14
N THR B 137 -24.51 -2.40 -35.62
CA THR B 137 -24.72 -2.88 -34.28
C THR B 137 -23.35 -2.99 -33.66
N PHE B 138 -23.33 -3.01 -32.32
CA PHE B 138 -22.04 -3.12 -31.63
C PHE B 138 -22.33 -3.84 -30.32
N LYS B 139 -21.26 -4.37 -29.75
CA LYS B 139 -21.22 -5.05 -28.48
C LYS B 139 -20.44 -4.19 -27.50
N PRO B 140 -21.00 -3.78 -26.35
CA PRO B 140 -20.20 -3.07 -25.35
C PRO B 140 -19.15 -4.01 -24.74
N SER B 141 -18.16 -3.49 -24.01
CA SER B 141 -17.16 -4.38 -23.37
C SER B 141 -17.82 -5.32 -22.34
N ASP B 142 -17.18 -6.43 -22.00
CA ASP B 142 -17.61 -7.32 -20.92
C ASP B 142 -17.81 -6.52 -19.63
N PRO B 143 -18.86 -6.85 -18.85
CA PRO B 143 -18.99 -6.32 -17.49
C PRO B 143 -17.87 -6.88 -16.58
N LEU B 144 -17.74 -6.34 -15.36
CA LEU B 144 -16.69 -6.66 -14.41
C LEU B 144 -17.04 -7.93 -13.66
N THR B 145 -16.02 -8.65 -13.17
CA THR B 145 -16.31 -9.44 -12.00
C THR B 145 -15.51 -8.83 -10.85
N VAL B 146 -16.04 -8.83 -9.63
CA VAL B 146 -15.43 -8.13 -8.49
C VAL B 146 -15.12 -9.19 -7.45
N PRO B 147 -13.82 -9.52 -7.20
CA PRO B 147 -13.44 -10.53 -6.22
C PRO B 147 -13.70 -10.02 -4.82
N VAL B 148 -14.10 -10.93 -3.89
CA VAL B 148 -14.14 -10.52 -2.49
C VAL B 148 -13.50 -11.64 -1.68
N GLU B 149 -12.63 -11.26 -0.73
CA GLU B 149 -11.91 -12.19 0.11
C GLU B 149 -12.26 -11.89 1.58
N VAL B 150 -12.54 -12.92 2.40
CA VAL B 150 -12.79 -12.70 3.83
C VAL B 150 -11.67 -13.38 4.62
N GLU B 151 -11.04 -12.61 5.51
CA GLU B 151 -9.94 -13.18 6.29
C GLU B 151 -10.27 -13.07 7.78
N TRP B 152 -10.09 -14.15 8.53
CA TRP B 152 -10.32 -14.21 9.98
C TRP B 152 -8.97 -14.22 10.71
N GLN B 153 -8.77 -13.27 11.65
CA GLN B 153 -7.56 -13.24 12.48
C GLN B 153 -7.89 -13.40 13.97
N GLY B 154 -7.03 -14.14 14.69
CA GLY B 154 -7.11 -14.22 16.14
C GLY B 154 -6.63 -12.89 16.73
N VAL B 155 -6.57 -12.86 18.07
CA VAL B 155 -6.34 -11.61 18.77
C VAL B 155 -5.00 -11.03 18.38
N THR B 156 -3.99 -11.87 18.17
CA THR B 156 -2.68 -11.28 17.90
C THR B 156 -2.31 -11.25 16.41
N GLY B 157 -3.27 -11.34 15.47
CA GLY B 157 -2.93 -11.14 14.06
C GLY B 157 -3.23 -12.37 13.21
N ALA B 158 -2.74 -12.34 11.95
CA ALA B 158 -3.05 -13.39 10.98
C ALA B 158 -2.50 -14.73 11.41
N ARG B 159 -3.27 -15.79 11.07
CA ARG B 159 -2.84 -17.17 11.29
C ARG B 159 -2.87 -17.54 12.79
N THR B 160 -3.06 -16.59 13.72
CA THR B 160 -3.09 -16.85 15.17
C THR B 160 -4.46 -17.41 15.55
N VAL B 161 -4.50 -18.37 16.48
CA VAL B 161 -5.70 -19.16 16.77
C VAL B 161 -6.86 -18.21 17.12
N ILE B 162 -8.06 -18.56 16.71
CA ILE B 162 -9.25 -17.82 17.08
C ILE B 162 -9.92 -18.64 18.16
N THR B 163 -10.39 -17.98 19.24
CA THR B 163 -11.09 -18.68 20.30
C THR B 163 -12.57 -18.30 20.34
N ALA B 164 -12.97 -17.15 19.75
CA ALA B 164 -14.35 -16.71 19.88
C ALA B 164 -15.26 -17.51 18.95
N ASP B 165 -16.58 -17.52 19.25
CA ASP B 165 -17.60 -18.06 18.36
C ASP B 165 -17.59 -17.26 17.06
N GLN B 166 -17.79 -17.96 15.96
CA GLN B 166 -17.88 -17.41 14.62
C GLN B 166 -19.20 -17.87 14.03
N PRO B 167 -19.90 -17.04 13.21
CA PRO B 167 -21.07 -17.52 12.46
C PRO B 167 -20.66 -18.60 11.43
N SER B 168 -21.64 -19.34 10.89
CA SER B 168 -21.36 -20.33 9.85
C SER B 168 -21.17 -19.67 8.47
N ASN B 169 -21.74 -18.48 8.25
CA ASN B 169 -21.39 -17.71 7.07
C ASN B 169 -21.63 -16.22 7.25
N VAL B 170 -21.07 -15.42 6.32
CA VAL B 170 -21.24 -13.97 6.30
C VAL B 170 -21.77 -13.61 4.93
N GLU B 171 -22.90 -12.89 4.91
CA GLU B 171 -23.43 -12.38 3.66
C GLU B 171 -22.74 -11.05 3.33
N LEU B 172 -22.11 -10.93 2.14
CA LEU B 172 -21.44 -9.71 1.71
C LEU B 172 -22.27 -9.10 0.57
N LYS B 173 -22.43 -7.76 0.54
CA LYS B 173 -23.23 -7.08 -0.48
C LYS B 173 -22.37 -6.03 -1.17
N LEU B 174 -22.46 -6.00 -2.52
CA LEU B 174 -21.73 -5.01 -3.30
C LEU B 174 -22.70 -3.84 -3.41
N VAL B 175 -22.19 -2.62 -3.13
CA VAL B 175 -23.03 -1.45 -3.11
C VAL B 175 -22.58 -0.67 -4.34
N GLN B 176 -23.55 -0.36 -5.20
CA GLN B 176 -23.28 0.46 -6.38
C GLN B 176 -23.58 1.88 -5.96
N LYS B 177 -22.57 2.76 -6.03
CA LYS B 177 -22.74 4.12 -5.55
C LYS B 177 -23.50 4.93 -6.62
N ASN B 178 -24.58 5.58 -6.20
CA ASN B 178 -25.35 6.47 -7.07
C ASN B 178 -24.48 7.66 -7.46
N LYS B 179 -24.46 7.98 -8.75
CA LYS B 179 -23.62 9.07 -9.23
C LYS B 179 -24.46 10.27 -9.67
N ASN B 180 -25.81 10.14 -9.69
CA ASN B 180 -26.75 11.17 -10.13
C ASN B 180 -27.74 11.58 -9.03
N GLY B 181 -27.21 11.95 -7.86
CA GLY B 181 -28.05 12.55 -6.83
C GLY B 181 -28.80 11.54 -5.96
N GLY B 182 -29.23 10.39 -6.53
CA GLY B 182 -30.07 9.40 -5.85
C GLY B 182 -29.36 8.69 -4.69
N SER B 183 -29.95 7.57 -4.22
CA SER B 183 -29.40 6.76 -3.15
C SER B 183 -28.62 5.55 -3.69
N ASP B 184 -27.53 5.20 -2.99
CA ASP B 184 -26.73 4.01 -3.26
C ASP B 184 -27.60 2.76 -3.32
N ASN B 185 -27.36 1.85 -4.28
CA ASN B 185 -28.01 0.55 -4.28
C ASN B 185 -27.15 -0.41 -3.44
N GLN B 186 -27.59 -0.68 -2.21
CA GLN B 186 -26.86 -1.45 -1.22
C GLN B 186 -27.15 -2.93 -1.36
N ASP B 187 -27.99 -3.30 -2.32
CA ASP B 187 -28.28 -4.71 -2.57
C ASP B 187 -27.94 -5.08 -4.02
N TYR B 188 -26.96 -4.43 -4.63
CA TYR B 188 -26.76 -4.59 -6.07
C TYR B 188 -26.32 -6.03 -6.39
N ARG B 189 -25.34 -6.61 -5.65
CA ARG B 189 -25.05 -8.04 -5.80
C ARG B 189 -24.77 -8.56 -4.38
N LYS B 190 -25.04 -9.84 -4.14
CA LYS B 190 -24.83 -10.42 -2.80
C LYS B 190 -24.17 -11.76 -2.97
N THR B 191 -23.44 -12.21 -1.93
CA THR B 191 -22.84 -13.52 -1.98
C THR B 191 -22.79 -14.00 -0.51
N ASN B 192 -22.86 -15.29 -0.27
CA ASN B 192 -22.63 -15.85 1.06
C ASN B 192 -21.26 -16.49 1.09
N VAL B 193 -20.42 -16.04 2.02
CA VAL B 193 -19.11 -16.68 2.13
C VAL B 193 -19.16 -17.64 3.31
N ASN B 194 -18.82 -18.88 3.02
CA ASN B 194 -18.68 -19.91 4.03
C ASN B 194 -17.69 -19.51 5.15
N VAL B 195 -18.02 -19.84 6.40
CA VAL B 195 -17.06 -19.61 7.48
C VAL B 195 -16.83 -20.94 8.17
N SER B 196 -15.56 -21.40 8.18
CA SER B 196 -15.21 -22.62 8.91
C SER B 196 -14.07 -22.34 9.87
N LYS B 197 -14.12 -23.08 10.99
CA LYS B 197 -13.10 -23.06 12.00
C LYS B 197 -11.71 -23.30 11.41
N ASN B 198 -10.75 -22.44 11.76
CA ASN B 198 -9.35 -22.58 11.37
C ASN B 198 -9.10 -22.45 9.87
N VAL B 199 -10.13 -22.11 9.09
CA VAL B 199 -9.84 -21.70 7.73
C VAL B 199 -9.91 -20.18 7.69
N SER B 200 -8.70 -19.59 7.69
CA SER B 200 -8.56 -18.14 7.79
C SER B 200 -9.08 -17.31 6.59
N ASN B 201 -8.95 -17.79 5.32
CA ASN B 201 -9.26 -17.01 4.12
C ASN B 201 -10.10 -17.82 3.16
N GLU B 202 -11.11 -17.18 2.56
CA GLU B 202 -12.14 -17.71 1.67
C GLU B 202 -12.47 -16.58 0.64
N THR B 203 -12.75 -16.92 -0.63
CA THR B 203 -12.94 -15.94 -1.68
C THR B 203 -14.17 -16.28 -2.53
N ARG B 204 -14.84 -15.24 -3.02
CA ARG B 204 -16.01 -15.33 -3.86
C ARG B 204 -15.90 -14.20 -4.87
N ASN B 205 -16.83 -14.15 -5.84
CA ASN B 205 -16.78 -13.00 -6.74
C ASN B 205 -18.22 -12.59 -7.05
N PHE B 206 -18.45 -11.27 -7.09
CA PHE B 206 -19.71 -10.79 -7.67
C PHE B 206 -19.58 -10.82 -9.19
N GLU B 207 -20.60 -11.38 -9.84
CA GLU B 207 -20.52 -11.55 -11.28
C GLU B 207 -21.33 -10.44 -11.99
N LYS B 208 -20.94 -10.17 -13.24
CA LYS B 208 -21.61 -9.24 -14.18
C LYS B 208 -21.87 -7.91 -13.52
N VAL B 209 -20.78 -7.24 -13.12
CA VAL B 209 -20.91 -5.95 -12.43
C VAL B 209 -20.77 -4.83 -13.46
N ALA B 210 -21.68 -3.85 -13.46
CA ALA B 210 -21.69 -2.87 -14.54
C ALA B 210 -20.50 -1.97 -14.36
N LYS B 211 -19.81 -1.64 -15.48
CA LYS B 211 -18.82 -0.58 -15.48
C LYS B 211 -19.47 0.80 -15.38
N GLY B 212 -18.68 1.80 -15.02
CA GLY B 212 -19.18 3.17 -15.00
C GLY B 212 -19.54 3.65 -13.58
N TYR B 213 -19.44 2.77 -12.55
CA TYR B 213 -19.87 3.18 -11.23
C TYR B 213 -18.72 3.02 -10.23
N GLN B 214 -18.68 3.75 -9.13
CA GLN B 214 -17.87 3.33 -7.98
C GLN B 214 -18.62 2.34 -7.10
N TYR B 215 -17.86 1.40 -6.50
CA TYR B 215 -18.50 0.37 -5.70
C TYR B 215 -17.93 0.39 -4.28
N ASP B 216 -18.73 -0.09 -3.35
CA ASP B 216 -18.29 -0.30 -1.99
C ASP B 216 -18.83 -1.67 -1.57
N LEU B 217 -18.49 -2.11 -0.35
CA LEU B 217 -18.93 -3.40 0.13
C LEU B 217 -19.56 -3.25 1.51
N ILE B 218 -20.64 -3.98 1.78
CA ILE B 218 -21.18 -4.08 3.12
C ILE B 218 -20.91 -5.52 3.60
N ALA B 219 -20.38 -5.61 4.81
CA ALA B 219 -20.13 -6.89 5.47
C ALA B 219 -20.69 -6.78 6.90
N PRO B 220 -21.23 -7.88 7.45
CA PRO B 220 -21.92 -7.79 8.75
C PRO B 220 -20.93 -7.52 9.90
N ASP B 221 -21.42 -6.86 10.97
CA ASP B 221 -20.76 -6.79 12.27
C ASP B 221 -20.82 -8.17 12.92
N VAL B 222 -19.66 -8.71 13.28
CA VAL B 222 -19.68 -10.01 13.92
C VAL B 222 -19.20 -9.80 15.37
N PRO B 223 -20.06 -10.09 16.39
CA PRO B 223 -19.66 -10.00 17.82
C PRO B 223 -18.33 -10.68 18.07
N ALA B 224 -17.47 -10.03 18.86
CA ALA B 224 -16.20 -10.58 19.30
C ALA B 224 -15.10 -10.19 18.33
N PHE B 225 -15.46 -9.58 17.18
CA PHE B 225 -14.48 -9.21 16.16
C PHE B 225 -14.65 -7.76 15.75
N THR B 226 -13.52 -7.11 15.39
CA THR B 226 -13.58 -5.87 14.64
C THR B 226 -13.47 -6.21 13.14
N LYS B 227 -13.91 -5.26 12.31
CA LYS B 227 -14.11 -5.47 10.87
C LYS B 227 -13.40 -4.34 10.12
N GLU B 228 -12.53 -4.69 9.15
CA GLU B 228 -11.94 -3.68 8.27
C GLU B 228 -12.26 -4.05 6.81
N ILE B 229 -12.69 -3.07 5.99
CA ILE B 229 -13.08 -3.39 4.62
C ILE B 229 -12.14 -2.57 3.74
N LYS B 230 -11.41 -3.21 2.81
CA LYS B 230 -10.56 -2.44 1.93
C LYS B 230 -10.81 -2.78 0.46
N ASN B 231 -10.59 -1.81 -0.41
CA ASN B 231 -10.57 -2.07 -1.85
C ASN B 231 -9.09 -2.28 -2.17
N VAL B 232 -8.70 -3.54 -2.41
CA VAL B 232 -7.33 -3.82 -2.71
C VAL B 232 -7.13 -3.80 -4.22
N GLY B 233 -8.14 -3.36 -4.99
CA GLY B 233 -7.96 -3.20 -6.46
C GLY B 233 -7.91 -1.71 -6.79
N THR B 234 -8.62 -1.27 -7.84
CA THR B 234 -8.69 0.15 -8.20
C THR B 234 -10.16 0.59 -8.21
N GLU B 235 -10.41 1.85 -8.56
CA GLU B 235 -11.79 2.31 -8.68
C GLU B 235 -12.47 1.60 -9.88
N SER B 236 -11.71 1.39 -10.96
CA SER B 236 -12.33 0.87 -12.17
C SER B 236 -12.26 -0.66 -12.20
N ASN B 237 -11.40 -1.24 -11.35
CA ASN B 237 -11.40 -2.69 -11.23
C ASN B 237 -11.37 -3.02 -9.74
N PRO B 238 -12.48 -2.89 -9.03
CA PRO B 238 -12.46 -3.09 -7.58
C PRO B 238 -12.24 -4.54 -7.21
N SER B 239 -11.61 -4.73 -6.04
CA SER B 239 -11.39 -6.07 -5.51
C SER B 239 -11.38 -5.86 -3.98
N PHE B 240 -12.18 -6.61 -3.22
CA PHE B 240 -12.42 -6.25 -1.83
C PHE B 240 -11.89 -7.31 -0.87
N LYS B 241 -11.36 -6.88 0.28
CA LYS B 241 -10.96 -7.78 1.36
C LYS B 241 -11.55 -7.30 2.68
N VAL B 242 -12.23 -8.21 3.37
CA VAL B 242 -12.79 -7.94 4.69
C VAL B 242 -11.92 -8.70 5.71
N ILE B 243 -11.40 -7.98 6.72
CA ILE B 243 -10.64 -8.62 7.78
C ILE B 243 -11.39 -8.50 9.09
N TYR B 244 -11.72 -9.65 9.68
CA TYR B 244 -12.32 -9.80 11.00
C TYR B 244 -11.22 -10.27 11.98
N LYS B 245 -11.00 -9.45 13.03
CA LYS B 245 -9.90 -9.63 13.95
C LYS B 245 -10.47 -9.71 15.39
N GLN B 246 -10.22 -10.84 16.07
CA GLN B 246 -10.90 -11.09 17.35
C GLN B 246 -10.46 -10.01 18.32
N LEU B 247 -11.37 -9.47 19.11
CA LEU B 247 -11.07 -8.48 20.15
C LEU B 247 -10.39 -9.19 21.35
N PRO B 248 -9.54 -8.53 22.15
CA PRO B 248 -8.92 -9.17 23.34
C PRO B 248 -9.85 -9.28 24.55
N SER B 249 -9.54 -10.19 25.49
CA SER B 249 -10.34 -10.35 26.70
C SER B 249 -9.43 -10.26 27.93
N LEU B 250 -10.02 -9.82 29.06
CA LEU B 250 -9.27 -9.64 30.30
C LEU B 250 -9.84 -10.62 31.32
N THR B 251 -9.02 -11.61 31.68
CA THR B 251 -9.44 -12.58 32.72
C THR B 251 -8.92 -12.12 34.10
N ILE B 252 -9.79 -12.12 35.10
CA ILE B 252 -9.38 -11.79 36.48
C ILE B 252 -9.44 -13.08 37.27
N LYS B 253 -8.26 -13.56 37.77
CA LYS B 253 -8.24 -14.78 38.56
C LYS B 253 -7.98 -14.45 40.04
N LYS B 254 -8.58 -15.24 40.95
CA LYS B 254 -8.29 -15.12 42.37
C LYS B 254 -7.57 -16.41 42.80
N VAL B 255 -6.45 -16.28 43.49
CA VAL B 255 -5.73 -17.40 44.09
C VAL B 255 -5.76 -17.23 45.62
N LEU B 256 -6.11 -18.32 46.32
CA LEU B 256 -6.06 -18.37 47.78
C LEU B 256 -4.76 -19.08 48.20
N GLU B 257 -4.04 -18.54 49.19
CA GLU B 257 -2.85 -19.24 49.71
C GLU B 257 -2.95 -19.38 51.23
N ALA B 258 -2.67 -20.59 51.74
CA ALA B 258 -2.63 -20.93 53.16
C ALA B 258 -4.02 -20.77 53.73
N GLU B 259 -5.04 -21.01 52.92
CA GLU B 259 -6.41 -20.77 53.36
C GLU B 259 -7.22 -22.05 53.13
N ASN B 260 -7.61 -22.72 54.21
CA ASN B 260 -8.31 -23.99 54.09
C ASN B 260 -9.83 -23.75 53.97
N ASN B 261 -10.34 -22.54 54.22
CA ASN B 261 -11.75 -22.25 53.96
C ASN B 261 -11.95 -21.77 52.50
N LEU B 262 -12.50 -22.62 51.61
CA LEU B 262 -12.67 -22.32 50.21
C LEU B 262 -14.08 -21.77 49.92
N ASN B 263 -14.85 -21.48 50.98
CA ASN B 263 -16.21 -21.03 50.78
C ASN B 263 -16.30 -19.49 50.75
N LYS B 264 -15.17 -18.79 50.79
CA LYS B 264 -15.22 -17.34 50.89
C LYS B 264 -15.63 -16.79 49.52
N GLU B 265 -16.16 -15.56 49.50
CA GLU B 265 -16.32 -14.86 48.23
C GLU B 265 -15.52 -13.57 48.33
N PHE B 266 -15.00 -13.09 47.19
CA PHE B 266 -14.19 -11.89 47.15
C PHE B 266 -14.73 -10.99 46.02
N ARG B 267 -14.68 -9.65 46.23
CA ARG B 267 -15.10 -8.69 45.20
C ARG B 267 -13.85 -7.96 44.72
N ILE B 268 -13.68 -7.95 43.40
CA ILE B 268 -12.50 -7.42 42.76
C ILE B 268 -12.97 -6.34 41.79
N LYS B 269 -12.39 -5.15 41.91
CA LYS B 269 -12.85 -4.05 41.03
C LYS B 269 -11.88 -3.92 39.88
N VAL B 270 -12.42 -3.52 38.71
CA VAL B 270 -11.57 -3.33 37.56
C VAL B 270 -11.89 -1.95 37.02
N LYS B 271 -10.85 -1.14 36.80
CA LYS B 271 -11.05 0.18 36.21
C LYS B 271 -10.59 0.11 34.75
N LEU B 272 -11.44 0.57 33.83
CA LEU B 272 -11.21 0.40 32.39
C LEU B 272 -11.38 1.76 31.73
N THR B 273 -10.33 2.22 31.05
CA THR B 273 -10.34 3.53 30.39
C THR B 273 -9.82 3.36 28.95
N SER B 274 -10.37 4.18 28.04
CA SER B 274 -9.98 4.22 26.62
C SER B 274 -8.76 5.11 26.44
N PRO B 275 -7.95 4.94 25.37
CA PRO B 275 -6.89 5.92 25.07
C PRO B 275 -7.43 7.36 24.91
N ASP B 276 -8.57 7.49 24.20
CA ASP B 276 -9.29 8.75 24.01
C ASP B 276 -9.86 9.34 25.30
N SER B 277 -10.09 8.54 26.36
CA SER B 277 -10.54 8.94 27.69
C SER B 277 -12.04 9.26 27.75
N LYS B 278 -12.81 8.75 26.78
CA LYS B 278 -14.26 8.60 26.93
C LYS B 278 -14.54 7.60 28.06
N PRO B 279 -15.62 7.79 28.86
CA PRO B 279 -15.96 6.78 29.89
C PRO B 279 -16.36 5.48 29.18
N LEU B 280 -15.81 4.32 29.60
CA LEU B 280 -16.19 3.07 28.95
C LEU B 280 -17.48 2.51 29.57
N ASN B 281 -18.41 2.17 28.68
CA ASN B 281 -19.68 1.57 29.06
C ASN B 281 -19.98 0.38 28.17
N GLY B 282 -20.61 -0.66 28.73
CA GLY B 282 -20.99 -1.80 27.93
C GLY B 282 -21.03 -3.06 28.76
N THR B 283 -21.48 -4.14 28.15
CA THR B 283 -21.49 -5.46 28.73
C THR B 283 -20.48 -6.29 27.93
N PHE B 284 -19.51 -6.91 28.62
CA PHE B 284 -18.47 -7.69 28.02
C PHE B 284 -18.49 -9.09 28.63
N GLY B 285 -19.13 -10.03 27.93
CA GLY B 285 -19.36 -11.35 28.49
C GLY B 285 -20.49 -11.25 29.51
N GLU B 286 -20.19 -11.68 30.74
CA GLU B 286 -21.09 -11.55 31.88
C GLU B 286 -20.95 -10.19 32.61
N ILE B 287 -19.93 -9.40 32.30
CA ILE B 287 -19.46 -8.34 33.18
C ILE B 287 -19.85 -7.03 32.57
N THR B 288 -20.66 -6.26 33.30
CA THR B 288 -21.08 -4.95 32.83
C THR B 288 -20.11 -3.94 33.41
N VAL B 289 -19.72 -2.97 32.61
CA VAL B 289 -18.87 -1.84 32.92
C VAL B 289 -19.72 -0.57 32.87
N VAL B 290 -19.75 0.20 33.96
CA VAL B 290 -20.48 1.45 34.00
C VAL B 290 -19.48 2.54 34.31
N ASN B 291 -19.34 3.47 33.38
CA ASN B 291 -18.44 4.57 33.61
C ASN B 291 -17.02 4.06 33.92
N GLY B 292 -16.52 3.08 33.19
CA GLY B 292 -15.14 2.69 33.37
C GLY B 292 -14.95 1.75 34.60
N GLU B 293 -16.02 1.42 35.34
CA GLU B 293 -15.89 0.60 36.55
C GLU B 293 -16.65 -0.70 36.37
N ALA B 294 -16.04 -1.83 36.76
CA ALA B 294 -16.74 -3.09 36.82
C ALA B 294 -16.30 -3.80 38.11
N GLU B 295 -17.13 -4.71 38.61
CA GLU B 295 -16.91 -5.38 39.87
C GLU B 295 -17.17 -6.87 39.63
N ILE B 296 -16.17 -7.72 39.88
CA ILE B 296 -16.28 -9.17 39.68
C ILE B 296 -16.33 -9.85 41.07
N ARG B 297 -17.32 -10.69 41.29
CA ARG B 297 -17.42 -11.48 42.51
C ARG B 297 -16.88 -12.87 42.19
N VAL B 298 -15.80 -13.29 42.89
CA VAL B 298 -15.24 -14.62 42.62
C VAL B 298 -15.55 -15.55 43.80
N GLU B 299 -15.84 -16.82 43.51
CA GLU B 299 -16.04 -17.86 44.50
C GLU B 299 -15.75 -19.21 43.80
N LYS B 300 -15.78 -20.31 44.56
CA LYS B 300 -15.37 -21.62 44.07
C LYS B 300 -16.26 -22.05 42.91
N ARG B 301 -17.57 -21.83 43.00
CA ARG B 301 -18.54 -22.25 41.99
C ARG B 301 -18.19 -21.64 40.62
N LYS B 302 -17.60 -20.44 40.57
CA LYS B 302 -17.21 -19.77 39.32
C LYS B 302 -15.74 -19.98 38.98
N ARG B 303 -15.10 -20.94 39.64
CA ARG B 303 -13.71 -21.26 39.30
C ARG B 303 -12.82 -20.06 39.58
N TRP B 304 -13.18 -19.30 40.67
CA TRP B 304 -12.28 -18.27 41.16
C TRP B 304 -11.85 -17.30 40.07
N ARG B 305 -12.77 -16.96 39.16
CA ARG B 305 -12.39 -16.07 38.06
C ARG B 305 -13.63 -15.40 37.47
N GLY B 306 -13.42 -14.26 36.76
CA GLY B 306 -14.44 -13.68 35.86
C GLY B 306 -13.70 -13.20 34.60
N ILE B 307 -14.46 -13.03 33.50
CA ILE B 307 -13.84 -12.68 32.21
C ILE B 307 -14.57 -11.46 31.65
N LEU B 308 -13.82 -10.40 31.32
CA LEU B 308 -14.38 -9.32 30.48
C LEU B 308 -14.00 -9.67 29.05
N SER B 309 -14.94 -10.26 28.35
CA SER B 309 -14.77 -10.79 26.99
C SER B 309 -14.85 -9.67 25.94
N TYR B 310 -13.84 -9.54 25.07
CA TYR B 310 -13.91 -8.78 23.80
C TYR B 310 -14.01 -7.29 24.10
N LEU B 311 -13.15 -6.78 24.99
CA LEU B 311 -13.03 -5.36 25.28
C LEU B 311 -12.40 -4.67 24.07
N PRO B 312 -12.51 -3.32 23.94
CA PRO B 312 -11.87 -2.61 22.84
C PRO B 312 -10.34 -2.75 22.94
N ARG B 313 -9.67 -2.84 21.80
CA ARG B 313 -8.23 -2.92 21.69
C ARG B 313 -7.61 -1.70 22.35
N GLY B 314 -6.53 -1.87 23.14
CA GLY B 314 -5.85 -0.77 23.81
C GLY B 314 -6.54 -0.27 25.10
N THR B 315 -7.58 -0.96 25.58
CA THR B 315 -8.24 -0.51 26.82
C THR B 315 -7.23 -0.57 27.96
N HIS B 316 -7.11 0.49 28.72
CA HIS B 316 -6.26 0.46 29.90
C HIS B 316 -7.05 -0.20 31.05
N TYR B 317 -6.42 -1.16 31.76
CA TYR B 317 -7.10 -1.84 32.87
C TYR B 317 -6.28 -1.66 34.15
N LYS B 318 -6.97 -1.55 35.29
CA LYS B 318 -6.32 -1.56 36.60
C LYS B 318 -7.23 -2.33 37.56
N VAL B 319 -6.65 -3.38 38.13
CA VAL B 319 -7.37 -4.34 38.94
C VAL B 319 -7.05 -4.07 40.42
N GLU B 320 -8.13 -4.04 41.24
CA GLU B 320 -7.89 -3.87 42.67
C GLU B 320 -8.92 -4.64 43.46
N GLU B 321 -8.48 -5.35 44.52
CA GLU B 321 -9.50 -6.07 45.25
C GLU B 321 -10.21 -5.06 46.14
N GLU B 322 -11.51 -5.22 46.37
CA GLU B 322 -12.18 -4.23 47.21
C GLU B 322 -11.67 -4.37 48.62
N ALA B 323 -11.51 -3.25 49.31
CA ALA B 323 -10.93 -3.14 50.64
C ALA B 323 -11.57 -4.10 51.64
N ALA B 324 -12.91 -4.23 51.63
CA ALA B 324 -13.60 -5.15 52.54
C ALA B 324 -13.20 -6.63 52.32
N SER B 325 -12.91 -6.99 51.06
CA SER B 325 -12.52 -8.36 50.74
C SER B 325 -11.06 -8.62 51.13
N THR B 326 -10.24 -7.62 51.49
CA THR B 326 -8.84 -7.86 51.79
C THR B 326 -8.60 -8.19 53.28
N ASN B 327 -9.63 -8.07 54.13
CA ASN B 327 -9.46 -8.23 55.57
C ASN B 327 -9.04 -9.67 55.89
N GLY B 328 -7.90 -9.84 56.56
CA GLY B 328 -7.46 -11.17 56.97
C GLY B 328 -6.45 -11.75 55.97
N TYR B 329 -6.10 -11.00 54.92
CA TYR B 329 -5.24 -11.49 53.85
C TYR B 329 -4.06 -10.54 53.61
N HIS B 330 -2.92 -11.11 53.19
CA HIS B 330 -1.93 -10.30 52.53
C HIS B 330 -2.21 -10.43 51.01
N VAL B 331 -2.46 -9.30 50.34
CA VAL B 331 -3.00 -9.30 49.00
C VAL B 331 -1.93 -8.85 48.01
N THR B 332 -1.54 -9.72 47.06
CA THR B 332 -0.59 -9.30 46.04
C THR B 332 -1.22 -9.51 44.65
N TYR B 333 -0.55 -8.92 43.65
CA TYR B 333 -1.18 -8.82 42.33
C TYR B 333 -0.16 -9.19 41.27
N GLU B 334 -0.61 -9.92 40.23
CA GLU B 334 0.29 -10.09 39.09
C GLU B 334 -0.43 -9.47 37.91
N ASN B 335 0.28 -8.68 37.11
CA ASN B 335 -0.34 -8.04 35.95
C ASN B 335 -1.56 -7.24 36.40
N GLN B 336 -1.31 -6.36 37.36
CA GLN B 336 -2.35 -5.56 37.96
C GLN B 336 -2.90 -4.49 37.00
N GLU B 337 -2.05 -4.01 36.10
CA GLU B 337 -2.34 -2.77 35.38
C GLU B 337 -1.68 -2.90 34.00
N GLY B 338 -2.36 -2.49 32.93
CA GLY B 338 -1.69 -2.50 31.64
C GLY B 338 -2.64 -2.05 30.54
N ASP B 339 -2.18 -2.23 29.29
CA ASP B 339 -3.00 -1.95 28.11
C ASP B 339 -3.39 -3.27 27.47
N LEU B 340 -4.63 -3.39 27.06
CA LEU B 340 -5.14 -4.66 26.57
C LEU B 340 -4.98 -4.73 25.04
N ASN B 341 -3.85 -5.31 24.61
CA ASN B 341 -3.55 -5.46 23.19
C ASN B 341 -3.53 -6.93 22.78
N LYS B 342 -3.57 -7.84 23.75
CA LYS B 342 -3.78 -9.24 23.51
C LYS B 342 -4.53 -9.77 24.72
N ASP B 343 -4.84 -11.06 24.75
CA ASP B 343 -5.58 -11.57 25.89
C ASP B 343 -4.68 -11.34 27.11
N GLU B 344 -5.25 -10.93 28.25
CA GLU B 344 -4.45 -10.77 29.47
C GLU B 344 -5.15 -11.44 30.65
N THR B 345 -4.35 -11.99 31.57
CA THR B 345 -4.88 -12.52 32.83
C THR B 345 -4.29 -11.70 33.98
N SER B 346 -5.16 -11.21 34.82
CA SER B 346 -4.73 -10.42 35.95
C SER B 346 -5.04 -11.25 37.21
N THR B 347 -4.01 -11.49 38.05
CA THR B 347 -4.23 -12.46 39.16
C THR B 347 -4.17 -11.77 40.52
N VAL B 348 -5.18 -11.99 41.35
CA VAL B 348 -5.19 -11.46 42.73
C VAL B 348 -4.91 -12.63 43.66
N THR B 349 -3.84 -12.54 44.47
CA THR B 349 -3.59 -13.59 45.48
C THR B 349 -3.93 -13.08 46.88
N ASN B 350 -4.80 -13.83 47.57
CA ASN B 350 -5.15 -13.62 48.92
C ASN B 350 -4.44 -14.70 49.77
N HIS B 351 -3.37 -14.29 50.44
CA HIS B 351 -2.60 -15.20 51.32
C HIS B 351 -3.09 -14.95 52.75
N LYS B 352 -3.77 -15.92 53.38
CA LYS B 352 -4.25 -15.76 54.74
C LYS B 352 -3.12 -15.35 55.71
N LEU B 353 -3.42 -14.34 56.55
CA LEU B 353 -2.36 -13.77 57.40
C LEU B 353 -2.05 -14.82 58.45
N PRO B 354 -0.78 -14.93 58.90
CA PRO B 354 -0.41 -15.97 59.87
C PRO B 354 -0.92 -15.61 61.29
N SER B 355 -0.96 -16.64 62.11
CA SER B 355 -1.29 -16.40 63.52
C SER B 355 -0.14 -16.85 64.42
N LEU B 356 -0.09 -16.35 65.68
CA LEU B 356 0.85 -16.87 66.67
C LEU B 356 0.04 -17.35 67.89
N SER B 357 0.27 -18.60 68.29
CA SER B 357 -0.32 -19.20 69.48
C SER B 357 0.78 -19.33 70.55
N VAL B 358 0.44 -19.04 71.82
CA VAL B 358 1.41 -19.19 72.91
C VAL B 358 0.68 -20.00 74.00
N THR B 359 1.33 -21.08 74.47
CA THR B 359 0.78 -22.02 75.44
C THR B 359 1.66 -21.93 76.69
N LYS B 360 1.01 -21.93 77.86
CA LYS B 360 1.73 -22.06 79.14
C LYS B 360 1.58 -23.50 79.69
N LYS B 361 2.72 -24.16 79.94
CA LYS B 361 2.76 -25.46 80.57
C LYS B 361 3.41 -25.36 81.94
N VAL B 362 2.82 -26.04 82.94
CA VAL B 362 3.40 -26.06 84.31
C VAL B 362 3.70 -27.49 84.76
N THR B 363 4.97 -27.79 85.08
CA THR B 363 5.43 -29.12 85.45
C THR B 363 5.87 -29.14 86.92
N GLY B 364 5.62 -30.26 87.63
CA GLY B 364 5.99 -30.43 89.05
C GLY B 364 4.81 -30.44 90.02
N LYS B 371 -2.36 -19.33 89.69
CA LYS B 371 -1.13 -18.59 89.33
C LYS B 371 -1.21 -18.37 87.82
N SER B 372 -1.10 -17.08 87.50
CA SER B 372 -1.10 -16.55 86.16
C SER B 372 0.35 -16.14 85.89
N PHE B 373 0.83 -16.39 84.67
CA PHE B 373 2.20 -16.13 84.25
C PHE B 373 2.19 -15.09 83.12
N LYS B 374 3.02 -14.05 83.27
CA LYS B 374 3.02 -12.94 82.38
C LYS B 374 4.10 -13.21 81.32
N ILE B 375 3.69 -13.03 80.04
CA ILE B 375 4.62 -13.37 78.94
C ILE B 375 4.63 -12.18 77.98
N THR B 376 5.85 -11.74 77.59
CA THR B 376 5.93 -10.65 76.64
C THR B 376 6.18 -11.23 75.22
N ILE B 377 5.46 -10.65 74.23
CA ILE B 377 5.64 -10.99 72.82
C ILE B 377 6.25 -9.80 72.09
N ASN B 378 7.45 -9.99 71.47
CA ASN B 378 8.02 -8.97 70.57
C ASN B 378 7.87 -9.40 69.12
N ILE B 379 7.35 -8.49 68.27
CA ILE B 379 7.18 -8.82 66.84
C ILE B 379 7.72 -7.63 66.02
N ARG B 380 8.54 -7.94 65.01
CA ARG B 380 8.99 -6.91 64.07
C ARG B 380 8.45 -7.33 62.71
N ASP B 381 7.95 -6.41 61.89
CA ASP B 381 7.29 -6.74 60.62
C ASP B 381 8.28 -7.23 59.56
N ALA B 382 7.78 -7.53 58.34
CA ALA B 382 8.64 -8.06 57.29
C ALA B 382 9.78 -7.08 56.95
N GLN B 383 9.47 -5.77 56.99
CA GLN B 383 10.44 -4.71 56.73
C GLN B 383 11.26 -4.40 58.00
N ASN B 384 11.20 -5.22 59.07
CA ASN B 384 12.07 -5.07 60.23
C ASN B 384 11.62 -3.99 61.25
N SER B 385 10.43 -3.40 61.10
CA SER B 385 10.07 -2.33 62.02
C SER B 385 9.14 -2.86 63.12
N PRO B 386 9.28 -2.36 64.36
CA PRO B 386 8.48 -2.86 65.49
C PRO B 386 6.98 -2.74 65.19
N LEU B 387 6.19 -3.75 65.57
CA LEU B 387 4.77 -3.76 65.28
C LEU B 387 4.07 -2.76 66.20
N ASN B 388 3.10 -2.03 65.63
CA ASN B 388 2.16 -1.21 66.39
C ASN B 388 0.80 -1.51 65.81
N GLY B 389 -0.14 -1.99 66.61
CA GLY B 389 -1.52 -2.18 66.14
C GLY B 389 -2.18 -3.13 67.16
N THR B 390 -3.47 -3.37 66.95
CA THR B 390 -4.32 -4.21 67.79
C THR B 390 -4.82 -5.37 66.92
N TYR B 391 -4.80 -6.58 67.47
CA TYR B 391 -5.08 -7.84 66.79
C TYR B 391 -6.06 -8.61 67.66
N THR B 392 -6.88 -9.44 67.01
CA THR B 392 -7.81 -10.26 67.77
C THR B 392 -7.02 -11.40 68.38
N ALA B 393 -7.20 -11.65 69.68
CA ALA B 393 -6.61 -12.74 70.39
C ALA B 393 -7.74 -13.53 71.03
N THR B 394 -7.59 -14.87 71.10
CA THR B 394 -8.63 -15.72 71.64
C THR B 394 -7.97 -16.61 72.68
N VAL B 395 -8.56 -16.59 73.88
CA VAL B 395 -8.27 -17.60 74.89
C VAL B 395 -9.58 -18.28 75.30
N ASN B 396 -9.69 -19.60 75.04
CA ASN B 396 -10.85 -20.41 75.38
C ASN B 396 -12.12 -19.77 74.86
N ASN B 397 -12.03 -19.27 73.63
CA ASN B 397 -13.19 -18.76 72.94
C ASN B 397 -13.64 -17.41 73.50
N LYS B 398 -12.87 -16.80 74.42
CA LYS B 398 -13.02 -15.38 74.75
C LYS B 398 -12.13 -14.61 73.77
N ARG B 399 -12.73 -13.78 72.92
CA ARG B 399 -12.01 -12.90 72.01
C ARG B 399 -11.71 -11.59 72.74
N THR B 400 -10.43 -11.24 72.91
CA THR B 400 -10.00 -9.93 73.39
C THR B 400 -9.09 -9.24 72.36
N PRO B 401 -9.10 -7.90 72.24
CA PRO B 401 -8.05 -7.18 71.53
C PRO B 401 -6.71 -7.29 72.25
N LEU B 402 -5.59 -7.55 71.55
CA LEU B 402 -4.25 -7.48 72.10
C LEU B 402 -3.47 -6.44 71.31
N GLN B 403 -2.93 -5.44 72.01
CA GLN B 403 -2.30 -4.30 71.35
C GLN B 403 -0.77 -4.39 71.47
N PHE B 404 -0.08 -4.12 70.37
CA PHE B 404 1.40 -4.08 70.29
C PHE B 404 1.74 -2.61 70.27
N THR B 405 2.69 -2.21 71.13
CA THR B 405 3.22 -0.86 71.09
C THR B 405 4.72 -0.97 70.93
N ASN B 406 5.24 -0.39 69.86
CA ASN B 406 6.66 -0.41 69.60
C ASN B 406 7.13 -1.88 69.59
N GLY B 407 6.31 -2.81 69.09
CA GLY B 407 6.80 -4.17 68.93
C GLY B 407 6.37 -5.07 70.08
N ARG B 408 5.87 -4.48 71.17
CA ARG B 408 5.71 -5.31 72.35
C ARG B 408 4.25 -5.44 72.76
N ALA B 409 3.82 -6.64 73.11
CA ALA B 409 2.55 -6.86 73.78
C ALA B 409 2.83 -7.80 74.96
N SER B 410 1.87 -7.91 75.88
CA SER B 410 2.00 -8.87 76.97
C SER B 410 0.67 -9.54 77.19
N ILE B 411 0.78 -10.82 77.56
CA ILE B 411 -0.37 -11.66 77.83
C ILE B 411 -0.17 -12.29 79.21
N ASP B 412 -1.29 -12.78 79.76
CA ASP B 412 -1.25 -13.56 80.98
C ASP B 412 -1.88 -14.93 80.71
N LEU B 413 -1.15 -16.01 81.06
CA LEU B 413 -1.66 -17.36 80.89
C LEU B 413 -1.58 -18.15 82.21
N ASN B 414 -2.64 -18.91 82.50
CA ASN B 414 -2.65 -19.99 83.48
C ASN B 414 -2.12 -21.27 82.82
N LYS B 415 -1.75 -22.24 83.69
CA LYS B 415 -1.40 -23.58 83.26
C LYS B 415 -2.38 -24.10 82.21
N ASP B 416 -1.82 -24.61 81.11
CA ASP B 416 -2.50 -25.26 80.00
C ASP B 416 -3.39 -24.32 79.18
N GLN B 417 -3.22 -23.01 79.34
CA GLN B 417 -3.98 -22.12 78.47
C GLN B 417 -3.15 -21.78 77.24
N THR B 418 -3.88 -21.57 76.13
CA THR B 418 -3.30 -21.15 74.86
C THR B 418 -3.98 -19.84 74.46
N ILE B 419 -3.18 -18.84 74.07
CA ILE B 419 -3.83 -17.72 73.39
C ILE B 419 -3.43 -17.79 71.90
N LYS B 420 -4.38 -17.50 71.01
CA LYS B 420 -4.08 -17.50 69.58
C LYS B 420 -4.35 -16.09 69.03
N ILE B 421 -3.29 -15.48 68.48
CA ILE B 421 -3.37 -14.11 68.02
C ILE B 421 -3.40 -14.15 66.49
N ASP B 422 -4.50 -13.66 65.91
CA ASP B 422 -4.76 -13.72 64.47
C ASP B 422 -4.39 -12.41 63.74
N GLY B 423 -4.12 -12.50 62.40
CA GLY B 423 -4.09 -11.33 61.53
C GLY B 423 -2.73 -10.65 61.63
N LEU B 424 -1.66 -11.35 62.10
CA LEU B 424 -0.36 -10.66 62.18
C LEU B 424 0.28 -10.50 60.78
N PRO B 425 1.29 -9.63 60.58
CA PRO B 425 1.79 -9.44 59.21
C PRO B 425 2.62 -10.60 58.70
N LEU B 426 2.41 -10.97 57.42
CA LEU B 426 3.11 -12.07 56.79
C LEU B 426 4.63 -11.83 56.83
N ASP B 427 5.40 -12.85 57.25
CA ASP B 427 6.86 -12.82 57.19
C ASP B 427 7.47 -11.91 58.26
N SER B 428 6.70 -11.55 59.29
CA SER B 428 7.24 -10.89 60.45
C SER B 428 7.94 -11.93 61.36
N HIS B 429 8.71 -11.47 62.36
CA HIS B 429 9.44 -12.36 63.25
C HIS B 429 8.98 -12.09 64.68
N TYR B 430 8.77 -13.15 65.47
CA TYR B 430 8.36 -13.00 66.85
C TYR B 430 9.45 -13.55 67.80
N THR B 431 9.52 -13.01 69.05
CA THR B 431 10.16 -13.72 70.14
C THR B 431 9.20 -13.66 71.33
N VAL B 432 9.12 -14.73 72.16
CA VAL B 432 8.38 -14.65 73.39
C VAL B 432 9.34 -14.76 74.58
N GLU B 433 9.02 -14.09 75.69
CA GLU B 433 9.89 -14.17 76.84
C GLU B 433 9.04 -14.00 78.09
N GLU B 434 9.17 -14.94 79.03
CA GLU B 434 8.41 -14.83 80.28
C GLU B 434 9.01 -13.72 81.15
N GLU B 435 8.14 -12.93 81.81
CA GLU B 435 8.61 -11.84 82.64
C GLU B 435 9.35 -12.41 83.87
N THR B 436 10.43 -11.74 84.31
CA THR B 436 11.25 -12.18 85.44
C THR B 436 10.46 -12.52 86.71
N ASN B 437 9.46 -11.69 87.05
CA ASN B 437 8.67 -11.90 88.25
C ASN B 437 7.77 -13.12 88.18
N SER B 438 7.27 -13.36 86.97
CA SER B 438 6.47 -14.54 86.73
C SER B 438 7.30 -15.83 86.81
N SER B 439 8.59 -15.74 86.46
CA SER B 439 9.46 -16.90 86.34
C SER B 439 10.18 -17.26 87.68
N ARG B 440 10.06 -16.40 88.70
CA ARG B 440 10.74 -16.64 89.96
C ARG B 440 10.13 -17.89 90.60
N GLY B 441 10.98 -18.80 91.09
CA GLY B 441 10.55 -20.07 91.66
C GLY B 441 10.51 -21.22 90.64
N TYR B 442 10.69 -20.88 89.34
CA TYR B 442 10.52 -21.82 88.22
C TYR B 442 11.76 -21.79 87.34
N GLN B 443 12.13 -22.96 86.83
CA GLN B 443 12.99 -23.03 85.66
C GLN B 443 12.07 -22.90 84.42
N VAL B 444 12.40 -21.97 83.53
CA VAL B 444 11.60 -21.67 82.34
C VAL B 444 12.26 -22.27 81.10
N SER B 445 11.54 -23.12 80.36
CA SER B 445 12.04 -23.56 79.05
C SER B 445 11.01 -23.20 77.95
N TYR B 446 11.48 -23.15 76.72
CA TYR B 446 10.63 -22.64 75.63
C TYR B 446 10.71 -23.62 74.48
N GLU B 447 9.60 -23.82 73.78
CA GLU B 447 9.63 -24.43 72.43
C GLU B 447 9.21 -23.35 71.41
N ASN B 448 10.07 -23.11 70.41
CA ASN B 448 9.85 -22.15 69.34
C ASN B 448 9.77 -20.79 69.99
N GLN B 449 10.80 -20.47 70.78
CA GLN B 449 10.87 -19.18 71.45
C GLN B 449 10.85 -18.02 70.43
N GLU B 450 11.53 -18.20 69.30
CA GLU B 450 11.53 -17.24 68.23
C GLU B 450 11.06 -17.93 66.96
N GLY B 451 10.64 -17.11 65.97
CA GLY B 451 10.21 -17.77 64.73
C GLY B 451 9.73 -16.72 63.74
N LYS B 452 9.54 -17.18 62.52
CA LYS B 452 9.05 -16.39 61.44
C LYS B 452 7.57 -16.68 61.22
N LEU B 453 6.77 -15.61 61.12
CA LEU B 453 5.33 -15.69 60.90
C LEU B 453 5.04 -15.84 59.41
N ASP B 454 5.25 -17.08 58.92
CA ASP B 454 5.10 -17.40 57.51
C ASP B 454 3.97 -18.42 57.38
N GLY B 455 3.24 -18.67 58.48
CA GLY B 455 2.00 -19.47 58.52
C GLY B 455 1.64 -19.51 60.00
N ASP B 456 0.75 -20.41 60.44
CA ASP B 456 0.39 -20.51 61.84
C ASP B 456 1.57 -21.06 62.68
N LYS B 457 2.04 -20.32 63.68
CA LYS B 457 3.11 -20.81 64.55
C LYS B 457 2.58 -20.94 65.96
N SER B 458 3.39 -21.66 66.76
CA SER B 458 3.09 -22.02 68.14
C SER B 458 4.39 -21.93 68.92
N ALA B 459 4.33 -21.20 70.03
CA ALA B 459 5.41 -21.16 71.00
C ALA B 459 4.87 -21.75 72.29
N THR B 460 5.73 -22.46 73.03
CA THR B 460 5.31 -23.01 74.31
C THR B 460 6.29 -22.51 75.37
N VAL B 461 5.72 -21.98 76.46
CA VAL B 461 6.56 -21.64 77.61
C VAL B 461 6.31 -22.68 78.70
N THR B 462 7.40 -23.31 79.17
CA THR B 462 7.27 -24.39 80.16
C THR B 462 7.89 -23.93 81.48
N ASN B 463 7.05 -23.94 82.52
CA ASN B 463 7.42 -23.50 83.88
C ASN B 463 7.54 -24.69 84.83
N ASN B 464 8.79 -24.99 85.20
CA ASN B 464 9.07 -26.17 86.01
C ASN B 464 9.47 -25.72 87.43
N LYS B 465 8.68 -26.03 88.45
CA LYS B 465 8.86 -25.59 89.84
C LYS B 465 10.24 -25.90 90.47
N ASN B 466 10.85 -24.89 91.13
CA ASN B 466 12.15 -24.87 91.83
C ASN B 466 13.17 -24.00 91.09
N GLU C 1 25.75 -6.86 65.32
CA GLU C 1 25.79 -7.32 63.89
C GLU C 1 26.77 -6.46 63.09
N PRO C 2 27.58 -7.07 62.19
CA PRO C 2 28.42 -6.30 61.24
C PRO C 2 27.68 -5.22 60.42
N GLN C 3 28.39 -4.09 60.24
CA GLN C 3 27.93 -3.00 59.40
C GLN C 3 28.33 -3.32 57.95
N THR C 4 27.36 -3.21 57.05
CA THR C 4 27.57 -3.51 55.65
C THR C 4 27.18 -2.29 54.84
N THR C 5 27.97 -1.99 53.81
CA THR C 5 27.57 -0.96 52.88
C THR C 5 27.47 -1.58 51.49
N LEU C 6 26.48 -1.11 50.72
CA LEU C 6 26.11 -1.65 49.42
C LEU C 6 26.18 -0.50 48.43
N HIS C 7 26.88 -0.67 47.29
CA HIS C 7 26.84 0.32 46.22
C HIS C 7 26.66 -0.39 44.89
N LYS C 8 25.79 0.19 44.06
CA LYS C 8 25.50 -0.33 42.72
C LYS C 8 25.64 0.79 41.69
N THR C 9 26.39 0.51 40.58
CA THR C 9 26.57 1.43 39.46
C THR C 9 26.34 0.72 38.13
N ILE C 10 25.96 1.48 37.08
CA ILE C 10 26.06 0.98 35.71
C ILE C 10 26.88 2.00 34.93
N THR C 11 27.81 1.52 34.09
CA THR C 11 28.75 2.39 33.40
C THR C 11 28.82 1.95 31.94
N PRO C 12 28.66 2.87 30.93
CA PRO C 12 28.85 2.52 29.51
C PRO C 12 30.27 1.98 29.34
N ILE C 13 30.42 0.92 28.53
CA ILE C 13 31.73 0.41 28.27
C ILE C 13 32.24 1.28 27.12
N SER C 14 33.35 1.97 27.37
CA SER C 14 33.91 2.93 26.43
C SER C 14 34.10 2.31 25.03
N GLY C 15 33.53 2.98 24.02
CA GLY C 15 33.77 2.62 22.62
C GLY C 15 32.99 1.39 22.20
N GLN C 16 32.08 0.88 23.04
CA GLN C 16 31.19 -0.17 22.57
C GLN C 16 29.74 0.23 22.76
N ASP C 17 29.09 0.61 21.66
CA ASP C 17 27.70 1.06 21.66
C ASP C 17 26.82 0.05 22.39
N ASP C 18 25.96 0.55 23.25
CA ASP C 18 24.89 -0.25 23.84
C ASP C 18 25.44 -1.34 24.78
N LYS C 19 26.72 -1.24 25.21
CA LYS C 19 27.23 -2.18 26.22
C LYS C 19 27.55 -1.43 27.51
N TYR C 20 27.19 -2.04 28.67
CA TYR C 20 27.34 -1.39 29.97
C TYR C 20 27.82 -2.43 30.98
N GLU C 21 28.63 -1.98 31.94
CA GLU C 21 29.05 -2.84 33.04
C GLU C 21 28.25 -2.52 34.30
N LEU C 22 27.59 -3.54 34.81
CA LEU C 22 26.89 -3.44 36.09
C LEU C 22 27.85 -3.85 37.20
N SER C 23 27.71 -3.13 38.32
CA SER C 23 28.63 -3.31 39.42
C SER C 23 27.81 -3.31 40.70
N LEU C 24 27.75 -4.47 41.41
CA LEU C 24 27.01 -4.58 42.67
C LEU C 24 27.98 -5.00 43.75
N ASP C 25 28.22 -4.08 44.72
CA ASP C 25 29.23 -4.39 45.70
C ASP C 25 28.68 -4.57 47.13
N ILE C 26 29.53 -5.15 47.97
CA ILE C 26 29.28 -5.24 49.40
C ILE C 26 30.60 -5.13 50.14
N THR C 27 30.66 -4.26 51.15
CA THR C 27 31.77 -4.22 52.08
C THR C 27 31.22 -4.43 53.50
N SER C 28 31.88 -5.28 54.30
CA SER C 28 31.42 -5.51 55.67
C SER C 28 32.54 -5.15 56.64
N LYS C 29 32.14 -4.56 57.79
CA LYS C 29 33.02 -4.39 58.95
C LYS C 29 32.43 -5.07 60.18
N LEU C 30 33.23 -5.97 60.81
CA LEU C 30 32.82 -6.90 61.90
C LEU C 30 33.12 -6.30 63.28
N GLY D 1 32.88 -13.09 60.54
CA GLY D 1 32.36 -12.26 59.43
C GLY D 1 31.02 -12.77 58.93
N ILE D 2 30.55 -12.22 57.79
CA ILE D 2 29.25 -12.55 57.23
C ILE D 2 29.40 -13.69 56.23
N HIS D 3 28.38 -14.55 56.11
CA HIS D 3 28.49 -15.76 55.32
C HIS D 3 27.13 -16.06 54.70
N HIS D 4 27.03 -17.17 53.98
CA HIS D 4 25.82 -17.45 53.23
C HIS D 4 25.44 -16.27 52.33
N VAL D 5 26.43 -15.65 51.70
CA VAL D 5 26.22 -14.42 50.96
C VAL D 5 25.70 -14.70 49.55
N SER D 6 24.68 -13.98 49.14
CA SER D 6 24.33 -13.96 47.73
C SER D 6 24.02 -12.53 47.29
N ILE D 7 24.42 -12.19 46.06
CA ILE D 7 24.15 -10.89 45.50
C ILE D 7 23.25 -11.13 44.29
N LYS D 8 22.14 -10.40 44.27
CA LYS D 8 21.06 -10.66 43.34
C LYS D 8 20.75 -9.34 42.60
N ASP D 9 20.63 -9.39 41.27
CA ASP D 9 20.12 -8.26 40.51
C ASP D 9 19.02 -8.77 39.58
N VAL D 10 17.88 -8.06 39.54
CA VAL D 10 16.83 -8.33 38.57
C VAL D 10 16.95 -7.29 37.45
N LEU D 11 17.24 -7.76 36.24
CA LEU D 11 17.45 -6.88 35.09
C LEU D 11 16.08 -6.40 34.63
N SER D 12 15.92 -5.08 34.37
CA SER D 12 14.72 -4.55 33.73
C SER D 12 14.67 -5.07 32.29
N LYS D 13 13.52 -4.88 31.62
CA LYS D 13 13.35 -5.39 30.28
C LYS D 13 14.19 -4.58 29.30
N TYR D 14 14.85 -3.51 29.77
CA TYR D 14 15.62 -2.62 28.91
C TYR D 14 17.05 -3.11 28.70
N VAL D 15 17.52 -4.12 29.45
CA VAL D 15 18.86 -4.66 29.25
C VAL D 15 18.76 -6.18 29.17
N GLN D 16 19.84 -6.83 28.74
CA GLN D 16 19.93 -8.28 28.71
C GLN D 16 21.41 -8.68 28.75
N LEU D 17 21.66 -9.90 29.20
CA LEU D 17 23.01 -10.45 29.20
C LEU D 17 23.46 -10.69 27.76
N LEU D 18 24.78 -10.84 27.58
CA LEU D 18 25.36 -11.14 26.30
C LEU D 18 25.26 -12.65 26.11
N PRO D 19 25.33 -13.20 24.87
CA PRO D 19 25.30 -14.66 24.71
C PRO D 19 26.60 -15.34 25.15
N ASN D 20 26.52 -16.60 25.65
CA ASN D 20 27.63 -17.53 25.85
C ASN D 20 28.68 -17.09 26.89
N GLY D 21 28.27 -16.67 28.10
CA GLY D 21 29.22 -16.25 29.12
C GLY D 21 30.10 -15.06 28.71
N SER D 22 29.69 -14.34 27.65
CA SER D 22 30.30 -13.08 27.26
C SER D 22 30.03 -11.97 28.29
N SER D 23 28.99 -12.17 29.13
CA SER D 23 28.69 -11.23 30.20
C SER D 23 29.83 -11.17 31.22
N GLU D 24 30.65 -12.23 31.31
CA GLU D 24 31.89 -12.27 32.09
C GLU D 24 31.60 -12.07 33.58
N PHE D 25 30.66 -12.84 34.12
CA PHE D 25 30.38 -12.74 35.53
C PHE D 25 31.66 -12.90 36.33
N ARG D 26 31.89 -12.01 37.29
CA ARG D 26 33.00 -12.24 38.21
C ARG D 26 32.73 -11.50 39.51
N VAL D 27 33.36 -11.96 40.61
CA VAL D 27 33.40 -11.19 41.85
C VAL D 27 34.86 -10.85 42.08
N VAL D 28 35.15 -9.56 42.25
CA VAL D 28 36.49 -9.10 42.54
C VAL D 28 36.52 -8.79 44.05
N LYS D 29 37.56 -9.28 44.75
CA LYS D 29 37.80 -8.87 46.11
C LYS D 29 38.89 -7.80 46.10
N GLU D 30 38.62 -6.64 46.72
CA GLU D 30 39.59 -5.55 46.71
C GLU D 30 39.85 -5.14 48.15
N LYS D 31 41.12 -4.91 48.47
CA LYS D 31 41.62 -4.74 49.81
C LYS D 31 43.02 -4.18 49.66
N ASP D 32 43.28 -3.03 50.30
CA ASP D 32 44.61 -2.42 50.38
C ASP D 32 45.20 -2.24 48.99
N GLY D 33 44.38 -1.93 48.01
CA GLY D 33 44.93 -1.58 46.70
C GLY D 33 45.14 -2.79 45.79
N SER D 34 44.89 -3.98 46.33
CA SER D 34 45.03 -5.22 45.58
C SER D 34 43.68 -5.79 45.14
N SER D 35 43.64 -6.41 43.95
CA SER D 35 42.38 -6.92 43.42
C SER D 35 42.54 -8.37 43.03
N GLU D 36 41.58 -9.19 43.39
CA GLU D 36 41.71 -10.61 43.10
C GLU D 36 40.34 -11.10 42.65
N ILE D 37 40.32 -12.01 41.66
CA ILE D 37 39.06 -12.58 41.20
C ILE D 37 38.78 -13.89 41.92
N LEU D 38 37.57 -14.02 42.48
CA LEU D 38 37.25 -15.22 43.24
C LEU D 38 37.13 -16.39 42.25
N THR D 39 37.50 -17.61 42.70
CA THR D 39 37.43 -18.80 41.85
C THR D 39 36.01 -19.37 41.92
N GLU D 40 35.73 -20.40 41.09
CA GLU D 40 34.48 -21.15 41.13
C GLU D 40 34.23 -21.85 42.46
N ASN D 41 35.29 -22.09 43.26
CA ASN D 41 35.13 -22.63 44.60
C ASN D 41 34.68 -21.61 45.62
N GLN D 42 34.64 -20.33 45.23
CA GLN D 42 34.30 -19.26 46.17
C GLN D 42 32.96 -18.64 45.79
N VAL D 43 32.64 -18.68 44.50
CA VAL D 43 31.39 -18.07 44.09
C VAL D 43 30.92 -18.74 42.80
N THR D 44 29.60 -18.84 42.64
CA THR D 44 28.98 -19.39 41.44
C THR D 44 27.88 -18.45 40.97
N PHE D 45 27.57 -18.48 39.67
CA PHE D 45 26.62 -17.57 39.04
C PHE D 45 25.43 -18.31 38.44
N ASP D 46 24.24 -17.74 38.56
CA ASP D 46 23.03 -18.40 38.13
C ASP D 46 22.11 -17.38 37.48
N THR D 47 21.35 -17.84 36.49
CA THR D 47 20.33 -17.09 35.80
C THR D 47 18.99 -17.80 36.04
N LYS D 48 17.98 -17.04 36.47
CA LYS D 48 16.64 -17.56 36.71
C LYS D 48 15.65 -16.55 36.16
N THR D 49 14.51 -17.03 35.62
CA THR D 49 13.44 -16.15 35.16
C THR D 49 12.40 -15.96 36.26
N THR D 50 12.05 -14.70 36.61
CA THR D 50 11.01 -14.41 37.60
C THR D 50 9.65 -14.66 36.97
N SER D 51 8.58 -14.55 37.77
CA SER D 51 7.23 -14.80 37.28
C SER D 51 6.75 -13.69 36.33
N GLU D 52 7.38 -12.50 36.40
CA GLU D 52 7.08 -11.38 35.51
C GLU D 52 7.97 -11.41 34.28
N GLY D 53 8.76 -12.47 34.12
CA GLY D 53 9.53 -12.71 32.92
C GLY D 53 10.85 -11.95 32.90
N LEU D 54 11.32 -11.48 34.07
CA LEU D 54 12.60 -10.79 34.15
C LEU D 54 13.71 -11.76 34.52
N VAL D 55 14.89 -11.46 34.02
CA VAL D 55 16.06 -12.25 34.31
C VAL D 55 16.63 -11.78 35.64
N GLU D 56 16.85 -12.73 36.54
CA GLU D 56 17.50 -12.51 37.81
C GLU D 56 18.86 -13.18 37.75
N VAL D 57 19.88 -12.40 38.08
CA VAL D 57 21.25 -12.86 38.13
C VAL D 57 21.62 -13.00 39.59
N THR D 58 22.12 -14.18 39.99
CA THR D 58 22.60 -14.34 41.35
C THR D 58 24.08 -14.71 41.29
N ALA D 59 24.87 -14.02 42.12
CA ALA D 59 26.18 -14.51 42.54
C ALA D 59 26.06 -15.15 43.90
N LYS D 60 26.17 -16.48 43.94
CA LYS D 60 26.00 -17.27 45.16
C LYS D 60 27.37 -17.62 45.69
N PHE D 61 27.75 -17.02 46.82
CA PHE D 61 29.03 -17.36 47.44
C PHE D 61 28.97 -18.81 47.89
N SER D 62 30.10 -19.52 47.88
CA SER D 62 30.10 -20.81 48.55
C SER D 62 29.55 -20.58 49.97
N PRO D 63 28.55 -21.36 50.46
CA PRO D 63 27.80 -21.00 51.67
C PRO D 63 28.65 -20.71 52.90
N ASN D 64 29.78 -21.42 53.01
CA ASN D 64 30.62 -21.32 54.20
C ASN D 64 31.61 -20.16 54.09
N TYR D 65 31.73 -19.53 52.91
CA TYR D 65 32.68 -18.44 52.72
C TYR D 65 32.21 -17.17 53.44
N SER D 66 33.15 -16.65 54.26
CA SER D 66 33.03 -15.46 55.08
C SER D 66 33.76 -14.30 54.45
N LEU D 67 33.10 -13.14 54.33
CA LEU D 67 33.74 -11.99 53.72
C LEU D 67 34.80 -11.45 54.66
N GLU D 68 36.00 -11.23 54.15
CA GLU D 68 37.09 -10.68 54.92
C GLU D 68 36.75 -9.24 55.28
N ASP D 69 37.04 -8.92 56.54
CA ASP D 69 36.70 -7.64 57.15
C ASP D 69 37.30 -6.47 56.37
N GLY D 70 36.45 -5.48 56.04
CA GLY D 70 36.87 -4.29 55.33
C GLY D 70 37.30 -4.51 53.87
N ALA D 71 37.19 -5.72 53.32
CA ALA D 71 37.44 -5.90 51.90
C ALA D 71 36.16 -5.58 51.13
N ARG D 72 36.30 -4.97 49.95
CA ARG D 72 35.17 -4.77 49.06
C ARG D 72 35.02 -5.97 48.11
N TYR D 73 33.81 -6.53 48.08
CA TYR D 73 33.51 -7.57 47.10
C TYR D 73 32.51 -7.03 46.09
N VAL D 74 32.83 -7.16 44.77
CA VAL D 74 31.98 -6.50 43.80
C VAL D 74 31.74 -7.51 42.66
N LEU D 75 30.44 -7.75 42.40
CA LEU D 75 30.02 -8.55 41.25
C LEU D 75 30.00 -7.59 40.05
N LYS D 76 30.69 -7.98 38.98
CA LYS D 76 30.75 -7.21 37.74
C LYS D 76 30.24 -8.12 36.61
N PHE D 77 29.46 -7.54 35.67
CA PHE D 77 29.07 -8.24 34.45
C PHE D 77 28.57 -7.21 33.43
N THR D 78 28.60 -7.62 32.15
CA THR D 78 28.20 -6.73 31.06
C THR D 78 26.77 -7.03 30.64
N VAL D 79 25.99 -5.97 30.38
CA VAL D 79 24.69 -6.13 29.75
C VAL D 79 24.63 -5.29 28.49
N THR D 80 23.63 -5.56 27.62
CA THR D 80 23.47 -4.77 26.41
C THR D 80 22.02 -4.27 26.38
N SER D 81 21.77 -3.12 25.76
CA SER D 81 20.40 -2.63 25.48
C SER D 81 19.57 -3.73 24.79
N SER D 82 18.36 -4.02 25.30
CA SER D 82 17.43 -4.96 24.69
C SER D 82 16.74 -4.26 23.51
N GLN D 83 15.99 -5.01 22.68
CA GLN D 83 15.22 -4.38 21.61
C GLN D 83 14.23 -3.36 22.19
N GLU D 84 13.67 -3.65 23.36
CA GLU D 84 12.84 -2.69 24.07
C GLU D 84 13.51 -1.34 24.27
N ALA D 85 14.79 -1.34 24.66
CA ALA D 85 15.50 -0.09 24.87
C ALA D 85 15.76 0.62 23.54
N LEU D 86 16.15 -0.14 22.51
CA LEU D 86 16.41 0.48 21.21
C LEU D 86 15.13 1.06 20.62
N ASP D 87 13.99 0.38 20.83
CA ASP D 87 12.70 0.90 20.38
C ASP D 87 12.32 2.19 21.12
N ALA D 88 12.50 2.20 22.46
CA ALA D 88 12.12 3.33 23.30
C ALA D 88 12.91 4.58 22.89
N ILE D 89 14.20 4.44 22.58
CA ILE D 89 14.95 5.64 22.28
C ILE D 89 14.60 6.19 20.89
N ALA D 90 14.14 5.31 19.99
CA ALA D 90 13.67 5.70 18.67
C ALA D 90 12.30 6.37 18.79
N GLY D 91 11.67 6.26 19.96
CA GLY D 91 10.37 6.84 20.19
C GLY D 91 9.21 5.93 19.75
N ASP D 92 9.47 4.62 19.57
CA ASP D 92 8.50 3.68 19.04
C ASP D 92 7.68 3.06 20.15
N LYS D 93 8.11 3.18 21.41
CA LYS D 93 7.41 2.54 22.52
C LYS D 93 7.38 3.55 23.64
N LYS D 94 6.19 3.78 24.22
CA LYS D 94 6.02 4.70 25.34
C LYS D 94 6.53 4.04 26.61
N LEU D 95 7.13 4.88 27.48
CA LEU D 95 7.55 4.47 28.81
C LEU D 95 6.34 4.50 29.74
N GLU D 96 6.30 3.58 30.72
CA GLU D 96 5.34 3.67 31.80
C GLU D 96 6.08 4.11 33.07
N ALA D 97 5.32 4.47 34.12
CA ALA D 97 5.83 4.83 35.44
C ALA D 97 6.76 3.71 35.92
N GLY D 98 7.93 4.09 36.46
CA GLY D 98 8.89 3.11 36.97
C GLY D 98 9.93 2.66 35.93
N ASP D 99 9.76 3.04 34.65
CA ASP D 99 10.65 2.54 33.61
C ASP D 99 11.94 3.35 33.58
N ALA D 100 11.84 4.65 33.86
CA ALA D 100 12.98 5.53 33.71
C ALA D 100 12.90 6.70 34.68
N GLU D 101 14.04 7.25 35.08
CA GLU D 101 14.03 8.40 35.96
C GLU D 101 13.38 9.62 35.31
N GLY D 102 12.33 10.17 35.93
CA GLY D 102 11.55 11.26 35.38
C GLY D 102 10.96 10.99 34.00
N SER D 103 10.61 9.73 33.68
CA SER D 103 10.17 9.29 32.36
C SER D 103 11.04 9.77 31.19
N ASP D 104 12.35 9.87 31.38
CA ASP D 104 13.29 10.31 30.37
C ASP D 104 13.99 9.09 29.79
N VAL D 105 13.87 8.90 28.48
CA VAL D 105 14.41 7.72 27.80
C VAL D 105 15.95 7.69 27.86
N ASN D 106 16.57 8.83 28.16
CA ASN D 106 18.01 8.90 28.43
C ASN D 106 18.38 8.33 29.81
N LYS D 107 17.38 7.92 30.60
CA LYS D 107 17.64 7.47 31.96
C LYS D 107 16.77 6.26 32.29
N LEU D 108 16.79 5.20 31.45
CA LEU D 108 16.18 3.91 31.72
C LEU D 108 16.85 3.23 32.92
N TYR D 109 16.06 2.72 33.88
CA TYR D 109 16.58 1.91 34.96
C TYR D 109 17.05 0.56 34.42
N SER D 110 18.26 0.16 34.87
CA SER D 110 18.80 -1.13 34.49
C SER D 110 18.20 -2.22 35.37
N ASN D 111 17.81 -1.88 36.59
CA ASN D 111 17.40 -2.88 37.57
C ASN D 111 15.93 -2.72 37.90
N LYS D 112 15.30 -3.85 38.20
CA LYS D 112 14.01 -3.86 38.85
C LYS D 112 14.17 -4.54 40.21
N GLY D 113 15.01 -3.97 41.08
CA GLY D 113 15.36 -4.61 42.36
C GLY D 113 16.69 -5.37 42.32
N ALA D 114 17.46 -5.18 43.37
CA ALA D 114 18.74 -5.78 43.56
C ALA D 114 18.98 -5.77 45.06
N SER D 115 19.66 -6.81 45.51
CA SER D 115 19.79 -6.95 46.95
C SER D 115 20.94 -7.88 47.28
N VAL D 116 21.30 -7.92 48.55
CA VAL D 116 22.27 -8.86 49.06
C VAL D 116 21.58 -9.57 50.22
N THR D 117 21.72 -10.89 50.30
CA THR D 117 21.33 -11.68 51.46
C THR D 117 22.60 -12.24 52.11
N TYR D 118 22.65 -12.27 53.46
CA TYR D 118 23.79 -12.80 54.20
C TYR D 118 23.40 -13.19 55.63
N SER D 119 24.28 -13.94 56.29
CA SER D 119 24.10 -14.43 57.66
C SER D 119 25.33 -14.11 58.48
N TYR D 120 25.21 -14.09 59.82
CA TYR D 120 26.33 -13.81 60.73
C TYR D 120 26.14 -14.48 62.09
N GLN D 126 21.57 -15.92 61.88
CA GLN D 126 20.70 -14.71 61.77
C GLN D 126 20.93 -14.17 60.35
N THR D 127 19.84 -13.89 59.62
CA THR D 127 19.85 -13.62 58.19
C THR D 127 19.26 -12.24 57.89
N LYS D 128 19.91 -11.47 57.01
CA LYS D 128 19.41 -10.18 56.55
C LYS D 128 19.39 -10.16 55.02
N THR D 129 18.38 -9.50 54.47
CA THR D 129 18.38 -9.10 53.07
C THR D 129 18.36 -7.58 53.00
N LYS D 130 19.37 -6.97 52.36
CA LYS D 130 19.35 -5.53 52.16
C LYS D 130 19.20 -5.25 50.68
N GLU D 131 18.29 -4.33 50.36
CA GLU D 131 18.05 -3.82 49.04
C GLU D 131 19.14 -2.78 48.75
N TYR D 132 19.69 -2.78 47.54
CA TYR D 132 20.56 -1.67 47.18
C TYR D 132 19.68 -0.43 47.07
N SER D 133 20.13 0.71 47.59
CA SER D 133 19.31 1.90 47.46
C SER D 133 19.62 2.65 46.16
N ASP D 134 20.76 2.37 45.52
CA ASP D 134 21.06 2.92 44.21
C ASP D 134 20.11 2.32 43.17
N ASN D 135 19.63 3.16 42.27
CA ASN D 135 18.76 2.77 41.16
C ASN D 135 19.40 3.29 39.86
N PRO D 136 20.46 2.64 39.33
CA PRO D 136 21.24 3.25 38.24
C PRO D 136 20.44 3.37 36.94
N THR D 137 20.82 4.34 36.10
CA THR D 137 20.10 4.56 34.85
C THR D 137 21.13 4.55 33.72
N PHE D 138 20.69 4.30 32.49
CA PHE D 138 21.60 4.36 31.37
C PHE D 138 20.85 4.92 30.19
N LYS D 139 21.61 5.47 29.23
CA LYS D 139 21.09 5.90 27.94
C LYS D 139 21.50 4.89 26.85
N PRO D 140 20.55 4.32 26.05
CA PRO D 140 20.92 3.50 24.88
C PRO D 140 21.62 4.40 23.86
N SER D 141 22.31 3.82 22.86
CA SER D 141 22.92 4.64 21.81
C SER D 141 21.86 5.42 21.02
N ASP D 142 22.28 6.50 20.35
CA ASP D 142 21.40 7.32 19.52
C ASP D 142 20.72 6.43 18.50
N PRO D 143 19.46 6.70 18.17
CA PRO D 143 18.83 5.97 17.05
C PRO D 143 19.48 6.34 15.72
N LEU D 144 19.14 5.63 14.65
CA LEU D 144 19.66 5.89 13.32
C LEU D 144 18.96 7.12 12.74
N THR D 145 19.69 7.86 11.91
CA THR D 145 19.00 8.61 10.87
C THR D 145 19.32 7.94 9.54
N VAL D 146 18.34 7.86 8.62
CA VAL D 146 18.51 7.14 7.36
C VAL D 146 18.33 8.14 6.23
N PRO D 147 19.41 8.58 5.56
CA PRO D 147 19.36 9.53 4.43
C PRO D 147 18.59 8.91 3.27
N VAL D 148 17.85 9.75 2.53
CA VAL D 148 17.28 9.29 1.28
C VAL D 148 17.53 10.38 0.25
N GLU D 149 18.06 9.98 -0.91
CA GLU D 149 18.37 10.92 -1.96
C GLU D 149 17.51 10.59 -3.20
N VAL D 150 16.92 11.60 -3.86
CA VAL D 150 16.16 11.35 -5.09
C VAL D 150 16.91 12.02 -6.24
N GLU D 151 17.15 11.24 -7.31
CA GLU D 151 17.83 11.80 -8.47
C GLU D 151 16.93 11.64 -9.71
N TRP D 152 16.75 12.72 -10.47
CA TRP D 152 16.01 12.77 -11.71
C TRP D 152 16.98 12.77 -12.88
N GLN D 153 16.79 11.82 -13.83
CA GLN D 153 17.58 11.79 -15.06
C GLN D 153 16.68 11.90 -16.29
N GLY D 154 17.16 12.63 -17.30
CA GLY D 154 16.59 12.63 -18.64
C GLY D 154 16.85 11.29 -19.31
N VAL D 155 16.42 11.21 -20.57
CA VAL D 155 16.38 9.95 -21.29
C VAL D 155 17.78 9.35 -21.39
N THR D 156 18.82 10.17 -21.59
CA THR D 156 20.16 9.60 -21.80
C THR D 156 21.06 9.76 -20.57
N GLY D 157 20.50 9.81 -19.35
CA GLY D 157 21.38 9.81 -18.18
C GLY D 157 21.38 11.14 -17.42
N ALA D 158 22.24 11.17 -16.39
CA ALA D 158 22.33 12.26 -15.42
C ALA D 158 22.66 13.57 -16.14
N ARG D 159 22.09 14.68 -15.64
CA ARG D 159 22.39 16.03 -16.10
C ARG D 159 21.94 16.26 -17.56
N THR D 160 21.11 15.36 -18.11
CA THR D 160 20.48 15.59 -19.40
C THR D 160 19.08 16.14 -19.17
N VAL D 161 18.65 17.06 -20.03
CA VAL D 161 17.37 17.78 -19.93
C VAL D 161 16.23 16.78 -19.69
N ILE D 162 15.28 17.09 -18.80
CA ILE D 162 14.07 16.29 -18.66
C ILE D 162 12.99 17.00 -19.43
N THR D 163 12.16 16.29 -20.23
CA THR D 163 11.09 16.94 -20.98
C THR D 163 9.71 16.47 -20.49
N ALA D 164 9.62 15.34 -19.78
CA ALA D 164 8.33 14.82 -19.34
C ALA D 164 7.82 15.59 -18.13
N ASP D 165 6.50 15.51 -17.88
CA ASP D 165 5.87 16.00 -16.66
C ASP D 165 6.45 15.31 -15.44
N GLN D 166 6.70 16.06 -14.37
CA GLN D 166 7.13 15.48 -13.10
C GLN D 166 6.17 15.95 -12.01
N PRO D 167 5.89 15.15 -10.96
CA PRO D 167 5.06 15.66 -9.85
C PRO D 167 5.78 16.79 -9.09
N SER D 168 5.08 17.51 -8.21
CA SER D 168 5.70 18.55 -7.38
C SER D 168 6.44 17.95 -6.17
N ASN D 169 6.03 16.78 -5.70
CA ASN D 169 6.85 16.03 -4.77
C ASN D 169 6.58 14.52 -4.85
N VAL D 170 7.45 13.73 -4.18
CA VAL D 170 7.27 12.30 -4.03
C VAL D 170 7.31 11.94 -2.55
N GLU D 171 6.31 11.18 -2.10
CA GLU D 171 6.31 10.68 -0.74
C GLU D 171 7.10 9.39 -0.68
N LEU D 172 8.15 9.32 0.18
CA LEU D 172 8.96 8.13 0.37
C LEU D 172 8.63 7.53 1.74
N LYS D 173 8.53 6.18 1.83
CA LYS D 173 8.25 5.50 3.07
C LYS D 173 9.40 4.55 3.41
N LEU D 174 9.82 4.53 4.69
CA LEU D 174 10.80 3.58 5.19
C LEU D 174 10.00 2.39 5.72
N VAL D 175 10.35 1.18 5.32
CA VAL D 175 9.65 -0.02 5.76
C VAL D 175 10.59 -0.70 6.76
N GLN D 176 10.06 -0.95 7.95
CA GLN D 176 10.78 -1.74 8.93
C GLN D 176 10.36 -3.18 8.73
N LYS D 177 11.35 -4.05 8.46
CA LYS D 177 11.12 -5.47 8.27
C LYS D 177 10.82 -6.13 9.62
N ASN D 178 9.71 -6.87 9.65
CA ASN D 178 9.41 -7.72 10.79
C ASN D 178 10.46 -8.83 10.83
N LYS D 179 10.99 -9.11 12.03
CA LYS D 179 12.01 -10.12 12.17
C LYS D 179 11.49 -11.31 12.99
N ASN D 180 10.21 -11.29 13.36
CA ASN D 180 9.56 -12.28 14.23
C ASN D 180 8.36 -12.90 13.51
N GLY D 181 8.48 -13.17 12.20
CA GLY D 181 7.46 -13.88 11.44
C GLY D 181 6.23 -13.06 11.06
N GLY D 182 5.98 -11.92 11.75
CA GLY D 182 4.83 -11.05 11.49
C GLY D 182 4.98 -10.31 10.16
N SER D 183 4.19 -9.25 9.93
CA SER D 183 4.27 -8.47 8.69
C SER D 183 5.01 -7.14 8.89
N ASP D 184 5.73 -6.73 7.84
CA ASP D 184 6.50 -5.51 7.73
C ASP D 184 5.64 -4.27 8.03
N ASN D 185 6.23 -3.28 8.69
CA ASN D 185 5.61 -1.99 8.90
C ASN D 185 6.05 -1.10 7.75
N GLN D 186 5.12 -0.93 6.79
CA GLN D 186 5.40 -0.24 5.54
C GLN D 186 5.14 1.25 5.66
N ASP D 187 4.75 1.69 6.87
CA ASP D 187 4.60 3.11 7.14
C ASP D 187 5.44 3.50 8.35
N TYR D 188 6.66 2.97 8.45
CA TYR D 188 7.39 3.20 9.68
C TYR D 188 7.83 4.66 9.78
N ARG D 189 8.41 5.19 8.72
CA ARG D 189 8.65 6.64 8.63
C ARG D 189 8.25 7.07 7.22
N LYS D 190 7.87 8.36 7.07
CA LYS D 190 7.55 8.90 5.77
C LYS D 190 8.22 10.26 5.66
N THR D 191 8.48 10.69 4.43
CA THR D 191 9.02 12.02 4.21
C THR D 191 8.55 12.43 2.83
N ASN D 192 8.43 13.72 2.61
CA ASN D 192 8.04 14.25 1.31
C ASN D 192 9.25 14.93 0.72
N VAL D 193 9.63 14.51 -0.47
CA VAL D 193 10.77 15.15 -1.10
C VAL D 193 10.26 16.08 -2.18
N ASN D 194 10.68 17.35 -2.09
CA ASN D 194 10.43 18.33 -3.12
C ASN D 194 10.92 17.83 -4.51
N VAL D 195 10.15 18.15 -5.56
CA VAL D 195 10.64 17.98 -6.92
C VAL D 195 10.51 19.31 -7.66
N SER D 196 11.62 19.85 -8.18
CA SER D 196 11.61 21.03 -9.04
C SER D 196 12.26 20.75 -10.39
N LYS D 197 11.80 21.44 -11.44
CA LYS D 197 12.39 21.27 -12.77
C LYS D 197 13.87 21.68 -12.75
N ASN D 198 14.72 20.83 -13.35
CA ASN D 198 16.15 21.07 -13.50
C ASN D 198 16.93 20.97 -12.18
N VAL D 199 16.24 20.76 -11.06
CA VAL D 199 16.98 20.41 -9.85
C VAL D 199 16.98 18.89 -9.76
N SER D 200 18.11 18.31 -10.16
CA SER D 200 18.21 16.87 -10.42
C SER D 200 18.26 16.03 -9.12
N ASN D 201 18.84 16.59 -8.03
CA ASN D 201 19.07 15.87 -6.77
C ASN D 201 18.57 16.66 -5.59
N GLU D 202 17.92 15.96 -4.65
CA GLU D 202 17.40 16.45 -3.38
C GLU D 202 17.55 15.32 -2.36
N THR D 203 17.79 15.68 -1.10
CA THR D 203 17.99 14.69 -0.05
C THR D 203 17.14 15.05 1.19
N ARG D 204 16.66 14.01 1.88
CA ARG D 204 15.92 14.13 3.12
C ARG D 204 16.45 13.04 4.04
N ASN D 205 15.98 12.96 5.29
CA ASN D 205 16.33 11.80 6.08
C ASN D 205 15.18 11.40 6.99
N PHE D 206 15.01 10.09 7.19
CA PHE D 206 14.09 9.62 8.21
C PHE D 206 14.80 9.72 9.55
N GLU D 207 14.10 10.33 10.50
CA GLU D 207 14.68 10.57 11.82
C GLU D 207 14.26 9.48 12.80
N LYS D 208 15.14 9.23 13.78
CA LYS D 208 14.85 8.41 14.95
C LYS D 208 14.46 7.01 14.55
N VAL D 209 15.33 6.33 13.79
CA VAL D 209 15.03 5.00 13.26
C VAL D 209 15.65 3.97 14.20
N ALA D 210 14.86 2.97 14.63
CA ALA D 210 15.29 2.04 15.66
C ALA D 210 16.36 1.11 15.09
N LYS D 211 17.43 0.89 15.87
CA LYS D 211 18.45 -0.10 15.52
C LYS D 211 17.91 -1.51 15.73
N GLY D 212 18.56 -2.51 15.11
CA GLY D 212 18.18 -3.90 15.34
C GLY D 212 17.27 -4.46 14.27
N TYR D 213 16.96 -3.69 13.22
CA TYR D 213 16.01 -4.11 12.19
C TYR D 213 16.62 -3.94 10.81
N GLN D 214 16.18 -4.71 9.83
CA GLN D 214 16.47 -4.36 8.43
C GLN D 214 15.39 -3.41 7.88
N TYR D 215 15.79 -2.50 6.99
CA TYR D 215 14.90 -1.51 6.45
C TYR D 215 14.87 -1.61 4.92
N ASP D 216 13.75 -1.24 4.33
CA ASP D 216 13.65 -1.08 2.91
C ASP D 216 12.88 0.22 2.67
N LEU D 217 12.73 0.61 1.39
CA LEU D 217 12.16 1.88 1.03
C LEU D 217 11.06 1.67 -0.02
N ILE D 218 9.94 2.39 0.15
CA ILE D 218 8.92 2.44 -0.89
C ILE D 218 8.93 3.84 -1.50
N ALA D 219 8.95 3.90 -2.84
CA ALA D 219 8.89 5.14 -3.59
C ALA D 219 7.84 4.99 -4.70
N PRO D 220 7.13 6.07 -5.05
CA PRO D 220 6.02 5.96 -6.00
C PRO D 220 6.50 5.64 -7.43
N ASP D 221 5.63 4.98 -8.19
CA ASP D 221 5.76 4.89 -9.65
C ASP D 221 5.38 6.24 -10.24
N VAL D 222 6.29 6.83 -10.98
CA VAL D 222 6.02 8.12 -11.61
C VAL D 222 5.88 7.88 -13.12
N PRO D 223 4.70 8.17 -13.73
CA PRO D 223 4.50 8.02 -15.17
C PRO D 223 5.60 8.73 -15.95
N ALA D 224 6.04 8.11 -17.05
CA ALA D 224 7.08 8.65 -17.93
C ALA D 224 8.50 8.27 -17.48
N PHE D 225 8.60 7.70 -16.27
CA PHE D 225 9.92 7.44 -15.67
C PHE D 225 9.99 5.99 -15.22
N THR D 226 11.20 5.40 -15.25
CA THR D 226 11.46 4.14 -14.57
C THR D 226 12.15 4.51 -13.26
N LYS D 227 12.06 3.58 -12.29
CA LYS D 227 12.46 3.82 -10.91
C LYS D 227 13.47 2.76 -10.47
N GLU D 228 14.65 3.15 -9.99
CA GLU D 228 15.54 2.20 -9.33
C GLU D 228 15.79 2.63 -7.87
N ILE D 229 15.66 1.67 -6.92
CA ILE D 229 15.91 1.99 -5.53
C ILE D 229 17.12 1.17 -5.09
N LYS D 230 18.09 1.84 -4.43
CA LYS D 230 19.27 1.13 -3.94
C LYS D 230 19.54 1.51 -2.50
N ASN D 231 20.09 0.57 -1.72
CA ASN D 231 20.68 0.88 -0.43
C ASN D 231 22.16 1.16 -0.69
N VAL D 232 22.57 2.43 -0.64
CA VAL D 232 23.98 2.73 -0.86
C VAL D 232 24.74 2.75 0.46
N GLY D 233 24.12 2.31 1.57
CA GLY D 233 24.82 2.20 2.84
C GLY D 233 25.02 0.73 3.17
N THR D 234 24.81 0.35 4.45
CA THR D 234 24.93 -1.04 4.88
C THR D 234 23.61 -1.49 5.51
N GLU D 235 23.55 -2.74 5.98
CA GLU D 235 22.36 -3.24 6.65
C GLU D 235 22.18 -2.46 7.95
N SER D 236 23.29 -2.19 8.65
CA SER D 236 23.22 -1.64 9.99
C SER D 236 23.21 -0.10 9.94
N ASN D 237 23.65 0.49 8.81
CA ASN D 237 23.56 1.92 8.59
C ASN D 237 22.97 2.20 7.20
N PRO D 238 21.67 1.96 6.99
CA PRO D 238 21.08 2.06 5.63
C PRO D 238 21.09 3.49 5.12
N SER D 239 21.33 3.66 3.81
CA SER D 239 21.23 4.96 3.17
C SER D 239 20.63 4.70 1.79
N PHE D 240 19.57 5.44 1.39
CA PHE D 240 18.86 5.04 0.17
C PHE D 240 18.98 6.08 -0.94
N LYS D 241 18.94 5.60 -2.20
CA LYS D 241 18.93 6.47 -3.39
C LYS D 241 17.90 5.97 -4.40
N VAL D 242 17.01 6.87 -4.82
CA VAL D 242 15.97 6.58 -5.79
C VAL D 242 16.31 7.33 -7.07
N ILE D 243 16.45 6.60 -8.18
CA ILE D 243 16.74 7.24 -9.46
C ILE D 243 15.55 7.03 -10.37
N TYR D 244 14.98 8.16 -10.81
CA TYR D 244 13.93 8.27 -11.79
C TYR D 244 14.59 8.68 -13.11
N LYS D 245 14.42 7.83 -14.13
CA LYS D 245 14.99 8.05 -15.43
C LYS D 245 13.91 8.09 -16.50
N GLN D 246 13.83 9.20 -17.25
CA GLN D 246 12.74 9.42 -18.19
C GLN D 246 12.81 8.34 -19.27
N LEU D 247 11.65 7.77 -19.66
CA LEU D 247 11.58 6.78 -20.73
C LEU D 247 11.68 7.49 -22.09
N PRO D 248 12.24 6.83 -23.14
CA PRO D 248 12.36 7.47 -24.46
C PRO D 248 11.02 7.53 -25.20
N SER D 249 10.93 8.41 -26.21
CA SER D 249 9.72 8.57 -27.03
C SER D 249 10.09 8.48 -28.50
N LEU D 250 9.15 7.97 -29.29
CA LEU D 250 9.36 7.86 -30.73
C LEU D 250 8.37 8.79 -31.44
N THR D 251 8.88 9.79 -32.14
CA THR D 251 8.08 10.70 -32.95
C THR D 251 8.09 10.25 -34.41
N ILE D 252 6.91 10.14 -35.01
CA ILE D 252 6.76 9.86 -36.45
C ILE D 252 6.38 11.17 -37.12
N LYS D 253 7.21 11.68 -38.03
CA LYS D 253 6.92 12.92 -38.72
C LYS D 253 6.65 12.59 -40.19
N LYS D 254 5.69 13.30 -40.79
CA LYS D 254 5.50 13.24 -42.23
C LYS D 254 5.98 14.56 -42.81
N VAL D 255 6.75 14.52 -43.89
CA VAL D 255 7.12 15.70 -44.66
C VAL D 255 6.55 15.54 -46.07
N LEU D 256 5.94 16.60 -46.60
CA LEU D 256 5.49 16.67 -47.98
C LEU D 256 6.50 17.43 -48.85
N GLU D 257 6.76 16.97 -50.08
CA GLU D 257 7.55 17.74 -51.03
C GLU D 257 6.81 17.84 -52.35
N ALA D 258 6.82 19.05 -52.93
CA ALA D 258 6.29 19.33 -54.26
C ALA D 258 4.77 19.18 -54.27
N GLU D 259 4.15 19.39 -53.10
CA GLU D 259 2.72 19.10 -52.96
C GLU D 259 2.03 20.35 -52.40
N ASN D 260 1.20 20.99 -53.24
CA ASN D 260 0.48 22.20 -52.89
C ASN D 260 -0.71 21.94 -51.97
N ASN D 261 -1.27 20.73 -52.02
CA ASN D 261 -2.47 20.41 -51.24
C ASN D 261 -2.11 19.85 -49.86
N LEU D 262 -2.18 20.66 -48.82
CA LEU D 262 -1.80 20.31 -47.45
C LEU D 262 -2.97 19.74 -46.66
N ASN D 263 -4.11 19.48 -47.31
CA ASN D 263 -5.25 18.89 -46.64
C ASN D 263 -5.22 17.36 -46.68
N LYS D 264 -4.14 16.75 -47.21
CA LYS D 264 -4.09 15.29 -47.35
C LYS D 264 -3.85 14.67 -45.97
N GLU D 265 -4.24 13.41 -45.82
CA GLU D 265 -4.18 12.65 -44.57
C GLU D 265 -3.38 11.38 -44.93
N PHE D 266 -2.48 10.92 -44.04
CA PHE D 266 -1.63 9.78 -44.36
C PHE D 266 -1.68 8.84 -43.13
N ARG D 267 -1.75 7.53 -43.37
CA ARG D 267 -1.68 6.56 -42.28
C ARG D 267 -0.31 5.88 -42.31
N ILE D 268 0.37 5.87 -41.19
CA ILE D 268 1.72 5.34 -41.09
C ILE D 268 1.69 4.27 -40.02
N LYS D 269 2.17 3.07 -40.35
CA LYS D 269 2.15 1.99 -39.38
C LYS D 269 3.52 1.90 -38.70
N VAL D 270 3.50 1.61 -37.39
CA VAL D 270 4.75 1.39 -36.67
C VAL D 270 4.67 0.00 -36.08
N LYS D 271 5.74 -0.77 -36.28
CA LYS D 271 5.82 -2.04 -35.58
C LYS D 271 6.87 -1.94 -34.45
N LEU D 272 6.54 -2.44 -33.25
CA LEU D 272 7.33 -2.27 -32.05
C LEU D 272 7.47 -3.64 -31.39
N THR D 273 8.73 -4.03 -31.15
CA THR D 273 9.02 -5.35 -30.62
C THR D 273 10.05 -5.20 -29.49
N SER D 274 9.81 -5.96 -28.41
CA SER D 274 10.67 -5.96 -27.24
C SER D 274 11.87 -6.88 -27.44
N PRO D 275 13.04 -6.60 -26.80
CA PRO D 275 14.15 -7.56 -26.82
C PRO D 275 13.75 -8.91 -26.21
N ASP D 276 13.02 -8.83 -25.08
CA ASP D 276 12.44 -9.97 -24.37
C ASP D 276 11.39 -10.74 -25.18
N SER D 277 10.74 -10.10 -26.16
CA SER D 277 9.77 -10.71 -27.08
C SER D 277 8.38 -10.92 -26.47
N LYS D 278 8.04 -10.27 -25.36
CA LYS D 278 6.64 -10.24 -24.93
C LYS D 278 5.84 -9.31 -25.87
N PRO D 279 4.58 -9.64 -26.25
CA PRO D 279 3.84 -8.77 -27.21
C PRO D 279 3.56 -7.42 -26.52
N LEU D 280 3.83 -6.29 -27.19
CA LEU D 280 3.75 -5.01 -26.48
C LEU D 280 2.33 -4.43 -26.64
N ASN D 281 1.70 -4.05 -25.53
CA ASN D 281 0.34 -3.56 -25.46
C ASN D 281 0.29 -2.38 -24.50
N GLY D 282 -0.51 -1.36 -24.83
CA GLY D 282 -0.61 -0.20 -23.94
C GLY D 282 -0.91 1.05 -24.75
N THR D 283 -1.13 2.14 -24.01
CA THR D 283 -1.32 3.45 -24.58
C THR D 283 -0.10 4.29 -24.26
N PHE D 284 0.51 4.89 -25.28
CA PHE D 284 1.74 5.64 -25.12
C PHE D 284 1.47 7.04 -25.69
N GLY D 285 1.18 7.99 -24.79
CA GLY D 285 0.69 9.28 -25.24
C GLY D 285 -0.73 9.11 -25.74
N GLU D 286 -0.97 9.54 -26.97
CA GLU D 286 -2.29 9.35 -27.57
C GLU D 286 -2.37 8.13 -28.48
N ILE D 287 -1.28 7.33 -28.58
CA ILE D 287 -1.21 6.28 -29.61
C ILE D 287 -1.37 4.95 -28.89
N THR D 288 -2.38 4.18 -29.32
CA THR D 288 -2.57 2.85 -28.79
C THR D 288 -1.70 1.85 -29.56
N VAL D 289 -1.11 0.88 -28.84
CA VAL D 289 -0.33 -0.23 -29.37
C VAL D 289 -1.03 -1.52 -29.02
N VAL D 290 -1.34 -2.34 -30.02
CA VAL D 290 -1.97 -3.61 -29.83
C VAL D 290 -1.05 -4.63 -30.50
N ASN D 291 -0.46 -5.51 -29.67
CA ASN D 291 0.39 -6.59 -30.16
C ASN D 291 1.51 -6.04 -31.00
N GLY D 292 2.16 -5.01 -30.50
CA GLY D 292 3.31 -4.46 -31.20
C GLY D 292 2.99 -3.52 -32.38
N GLU D 293 1.70 -3.30 -32.71
CA GLU D 293 1.33 -2.49 -33.88
C GLU D 293 0.61 -1.22 -33.45
N ALA D 294 1.10 -0.09 -33.98
CA ALA D 294 0.47 1.22 -33.85
C ALA D 294 0.17 1.78 -35.24
N GLU D 295 -0.95 2.51 -35.36
CA GLU D 295 -1.28 3.18 -36.62
C GLU D 295 -1.39 4.68 -36.37
N ILE D 296 -0.56 5.52 -37.00
CA ILE D 296 -0.61 6.96 -36.75
C ILE D 296 -1.27 7.61 -37.98
N ARG D 297 -2.29 8.45 -37.75
CA ARG D 297 -2.89 9.22 -38.84
C ARG D 297 -2.32 10.63 -38.74
N VAL D 298 -1.62 11.10 -39.79
CA VAL D 298 -0.99 12.43 -39.77
C VAL D 298 -1.76 13.35 -40.70
N GLU D 299 -1.79 14.66 -40.36
CA GLU D 299 -2.50 15.71 -41.05
C GLU D 299 -2.00 17.05 -40.47
N LYS D 300 -2.38 18.15 -41.15
CA LYS D 300 -1.90 19.47 -40.78
C LYS D 300 -2.28 19.80 -39.32
N ARG D 301 -3.51 19.47 -38.94
CA ARG D 301 -4.02 19.83 -37.62
C ARG D 301 -3.18 19.19 -36.51
N LYS D 302 -2.58 18.02 -36.77
CA LYS D 302 -1.74 17.32 -35.80
C LYS D 302 -0.25 17.63 -35.96
N ARG D 303 0.05 18.66 -36.75
CA ARG D 303 1.43 19.08 -36.95
C ARG D 303 2.22 17.98 -37.66
N TRP D 304 1.54 17.28 -38.56
CA TRP D 304 2.19 16.30 -39.42
C TRP D 304 2.96 15.27 -38.62
N ARG D 305 2.49 14.94 -37.41
CA ARG D 305 3.25 14.01 -36.57
C ARG D 305 2.35 13.28 -35.58
N GLY D 306 2.81 12.15 -35.04
CA GLY D 306 2.27 11.48 -33.87
C GLY D 306 3.48 11.12 -32.98
N ILE D 307 3.26 11.00 -31.66
CA ILE D 307 4.33 10.68 -30.71
C ILE D 307 3.91 9.46 -29.89
N LEU D 308 4.69 8.38 -29.94
CA LEU D 308 4.54 7.33 -28.93
C LEU D 308 5.47 7.70 -27.77
N SER D 309 4.84 8.18 -26.71
CA SER D 309 5.52 8.71 -25.53
C SER D 309 5.88 7.59 -24.57
N TYR D 310 7.15 7.56 -24.14
CA TYR D 310 7.57 6.81 -22.98
C TYR D 310 7.43 5.31 -23.19
N LEU D 311 7.98 4.82 -24.32
CA LEU D 311 7.99 3.41 -24.65
C LEU D 311 9.10 2.76 -23.82
N PRO D 312 9.09 1.41 -23.61
CA PRO D 312 10.17 0.71 -22.88
C PRO D 312 11.51 0.95 -23.56
N ARG D 313 12.56 1.13 -22.75
CA ARG D 313 13.92 1.30 -23.25
C ARG D 313 14.32 0.11 -24.12
N GLY D 314 14.97 0.37 -25.26
CA GLY D 314 15.44 -0.69 -26.17
C GLY D 314 14.35 -1.27 -27.09
N THR D 315 13.16 -0.66 -27.15
CA THR D 315 12.11 -1.19 -28.01
C THR D 315 12.58 -1.09 -29.45
N HIS D 316 12.42 -2.18 -30.21
CA HIS D 316 12.81 -2.07 -31.61
C HIS D 316 11.61 -1.44 -32.37
N TYR D 317 11.86 -0.45 -33.25
CA TYR D 317 10.78 0.15 -34.05
C TYR D 317 11.07 -0.06 -35.54
N LYS D 318 9.98 -0.20 -36.31
CA LYS D 318 10.07 -0.13 -37.76
C LYS D 318 8.81 0.59 -38.27
N VAL D 319 9.05 1.65 -39.05
CA VAL D 319 7.99 2.53 -39.53
C VAL D 319 7.76 2.26 -41.02
N GLU D 320 6.50 2.22 -41.46
CA GLU D 320 6.20 2.09 -42.86
C GLU D 320 4.83 2.71 -43.16
N GLU D 321 4.77 3.50 -44.24
CA GLU D 321 3.54 4.19 -44.55
C GLU D 321 2.60 3.14 -45.12
N GLU D 322 1.32 3.24 -44.80
CA GLU D 322 0.42 2.25 -45.40
C GLU D 322 0.35 2.42 -46.90
N ALA D 323 0.22 1.28 -47.60
CA ALA D 323 0.27 1.26 -49.05
C ALA D 323 -0.74 2.22 -49.67
N ALA D 324 -1.98 2.26 -49.16
CA ALA D 324 -2.99 3.18 -49.72
C ALA D 324 -2.62 4.65 -49.50
N SER D 325 -1.84 4.98 -48.48
CA SER D 325 -1.41 6.35 -48.27
C SER D 325 -0.25 6.72 -49.21
N THR D 326 0.33 5.79 -49.98
CA THR D 326 1.51 6.14 -50.79
C THR D 326 1.15 6.52 -52.23
N ASN D 327 -0.13 6.38 -52.59
CA ASN D 327 -0.59 6.60 -53.96
C ASN D 327 -0.32 8.03 -54.38
N GLY D 328 0.43 8.22 -55.49
CA GLY D 328 0.70 9.57 -55.98
C GLY D 328 2.01 10.15 -55.45
N TYR D 329 2.77 9.38 -54.65
CA TYR D 329 3.97 9.91 -54.00
C TYR D 329 5.18 8.98 -54.27
N HIS D 330 6.37 9.55 -54.32
CA HIS D 330 7.57 8.77 -54.12
C HIS D 330 7.91 8.91 -52.62
N VAL D 331 7.96 7.78 -51.90
CA VAL D 331 8.01 7.81 -50.45
C VAL D 331 9.40 7.36 -50.00
N THR D 332 10.08 8.18 -49.20
CA THR D 332 11.38 7.77 -48.64
C THR D 332 11.36 7.98 -47.13
N TYR D 333 12.38 7.42 -46.45
CA TYR D 333 12.32 7.31 -45.00
C TYR D 333 13.66 7.70 -44.42
N GLU D 334 13.64 8.46 -43.37
CA GLU D 334 14.88 8.65 -42.63
C GLU D 334 14.63 8.06 -41.24
N ASN D 335 15.60 7.30 -40.76
CA ASN D 335 15.51 6.70 -39.44
C ASN D 335 14.27 5.82 -39.38
N GLN D 336 14.14 4.95 -40.36
CA GLN D 336 12.97 4.08 -40.50
C GLN D 336 12.95 2.97 -39.43
N GLU D 337 14.14 2.56 -38.96
CA GLU D 337 14.25 1.37 -38.15
C GLU D 337 15.39 1.54 -37.16
N GLY D 338 15.17 1.08 -35.93
CA GLY D 338 16.25 1.15 -34.94
C GLY D 338 15.79 0.62 -33.58
N ASP D 339 16.67 0.81 -32.59
CA ASP D 339 16.39 0.49 -31.20
C ASP D 339 16.24 1.81 -30.46
N LEU D 340 15.23 1.89 -29.61
CA LEU D 340 14.87 3.12 -28.96
C LEU D 340 15.61 3.23 -27.62
N ASN D 341 16.79 3.89 -27.63
CA ASN D 341 17.54 4.09 -26.39
C ASN D 341 17.64 5.58 -26.07
N LYS D 342 17.23 6.43 -27.01
CA LYS D 342 17.02 7.84 -26.73
C LYS D 342 15.76 8.26 -27.48
N ASP D 343 15.43 9.54 -27.37
CA ASP D 343 14.30 10.02 -28.14
C ASP D 343 14.64 9.86 -29.62
N GLU D 344 13.69 9.37 -30.43
CA GLU D 344 13.97 9.22 -31.86
C GLU D 344 12.84 9.88 -32.66
N THR D 345 13.23 10.46 -33.80
CA THR D 345 12.25 10.90 -34.78
C THR D 345 12.44 10.08 -36.04
N SER D 346 11.34 9.54 -36.54
CA SER D 346 11.38 8.81 -37.78
C SER D 346 10.59 9.63 -38.79
N THR D 347 11.18 9.94 -39.94
CA THR D 347 10.55 10.85 -40.90
C THR D 347 10.15 10.12 -42.17
N VAL D 348 8.87 10.29 -42.57
CA VAL D 348 8.35 9.75 -43.83
C VAL D 348 8.20 10.94 -44.74
N THR D 349 8.88 10.94 -45.90
CA THR D 349 8.75 12.01 -46.88
C THR D 349 7.91 11.50 -48.06
N ASN D 350 6.81 12.19 -48.32
CA ASN D 350 5.98 11.97 -49.48
C ASN D 350 6.26 13.07 -50.51
N HIS D 351 6.93 12.67 -51.60
CA HIS D 351 7.29 13.60 -52.65
C HIS D 351 6.33 13.39 -53.81
N LYS D 352 5.49 14.37 -54.13
CA LYS D 352 4.45 14.20 -55.15
C LYS D 352 5.08 13.78 -56.50
N LEU D 353 4.48 12.77 -57.14
CA LEU D 353 5.02 12.30 -58.38
C LEU D 353 4.80 13.36 -59.44
N PRO D 354 5.79 13.58 -60.34
CA PRO D 354 5.71 14.62 -61.36
C PRO D 354 4.74 14.25 -62.47
N SER D 355 4.27 15.28 -63.16
CA SER D 355 3.45 15.10 -64.34
C SER D 355 4.15 15.65 -65.60
N LEU D 356 3.78 15.10 -66.77
CA LEU D 356 4.26 15.58 -68.06
C LEU D 356 3.05 16.07 -68.87
N SER D 357 3.11 17.33 -69.31
CA SER D 357 2.13 17.89 -70.22
C SER D 357 2.72 18.04 -71.63
N VAL D 358 1.94 17.71 -72.68
CA VAL D 358 2.34 17.92 -74.07
C VAL D 358 1.22 18.72 -74.75
N THR D 359 1.61 19.82 -75.42
CA THR D 359 0.65 20.70 -76.10
C THR D 359 0.94 20.67 -77.61
N LYS D 360 -0.13 20.63 -78.43
CA LYS D 360 0.01 20.82 -79.88
C LYS D 360 -0.41 22.24 -80.30
N LYS D 361 0.50 22.99 -80.93
CA LYS D 361 0.26 24.31 -81.49
C LYS D 361 0.37 24.25 -83.03
N VAL D 362 -0.58 24.92 -83.70
CA VAL D 362 -0.62 24.95 -85.17
C VAL D 362 -0.54 26.41 -85.66
N THR D 363 0.47 26.70 -86.48
CA THR D 363 0.70 28.01 -87.08
C THR D 363 0.42 27.96 -88.60
N GLY D 364 -0.16 29.04 -89.16
CA GLY D 364 -0.88 29.01 -90.41
C GLY D 364 -0.23 29.87 -91.48
N SER D 372 -5.67 16.31 -86.58
CA SER D 372 -5.22 15.39 -85.50
C SER D 372 -3.78 14.94 -85.76
N PHE D 373 -2.92 15.13 -84.74
CA PHE D 373 -1.48 14.92 -84.84
C PHE D 373 -1.02 13.86 -83.84
N LYS D 374 -0.41 12.77 -84.31
CA LYS D 374 0.04 11.70 -83.46
C LYS D 374 1.45 12.01 -82.95
N ILE D 375 1.64 11.88 -81.63
CA ILE D 375 2.92 12.18 -80.98
C ILE D 375 3.33 10.98 -80.12
N THR D 376 4.61 10.57 -80.20
CA THR D 376 5.11 9.48 -79.39
C THR D 376 5.90 10.06 -78.21
N ILE D 377 5.64 9.50 -77.02
CA ILE D 377 6.38 9.86 -75.82
C ILE D 377 7.21 8.65 -75.41
N ASN D 378 8.53 8.88 -75.23
CA ASN D 378 9.40 7.86 -74.65
C ASN D 378 9.76 8.26 -73.22
N ILE D 379 9.58 7.34 -72.26
CA ILE D 379 10.01 7.59 -70.89
C ILE D 379 10.82 6.39 -70.38
N ARG D 380 11.95 6.67 -69.74
CA ARG D 380 12.70 5.69 -68.97
C ARG D 380 12.66 6.13 -67.50
N ASP D 381 12.65 5.20 -66.55
CA ASP D 381 12.48 5.56 -65.14
C ASP D 381 13.86 5.99 -64.61
N ALA D 382 13.92 6.26 -63.29
CA ALA D 382 15.11 6.80 -62.65
C ALA D 382 16.31 5.88 -62.86
N GLN D 383 16.11 4.56 -62.77
CA GLN D 383 17.14 3.53 -62.94
C GLN D 383 17.37 3.19 -64.41
N ASN D 384 16.86 4.01 -65.34
CA ASN D 384 17.16 3.93 -66.78
C ASN D 384 16.36 2.88 -67.57
N SER D 385 15.37 2.24 -66.97
CA SER D 385 14.66 1.21 -67.69
C SER D 385 13.35 1.72 -68.31
N PRO D 386 12.99 1.20 -69.50
CA PRO D 386 11.80 1.65 -70.21
C PRO D 386 10.56 1.52 -69.35
N LEU D 387 9.68 2.52 -69.42
CA LEU D 387 8.48 2.58 -68.61
C LEU D 387 7.44 1.61 -69.17
N ASN D 388 6.80 0.86 -68.27
CA ASN D 388 5.67 -0.01 -68.56
C ASN D 388 4.59 0.31 -67.53
N GLY D 389 3.53 0.94 -67.93
CA GLY D 389 2.40 1.05 -67.02
C GLY D 389 1.33 1.91 -67.67
N THR D 390 0.19 2.03 -67.00
CA THR D 390 -0.93 2.87 -67.42
C THR D 390 -1.08 3.99 -66.40
N TYR D 391 -1.20 5.22 -66.91
CA TYR D 391 -1.29 6.43 -66.10
C TYR D 391 -2.52 7.24 -66.55
N THR D 392 -3.06 8.02 -65.63
CA THR D 392 -4.20 8.87 -65.95
C THR D 392 -3.69 10.06 -66.74
N ALA D 393 -4.33 10.29 -67.88
CA ALA D 393 -4.01 11.39 -68.75
C ALA D 393 -5.32 12.16 -68.93
N THR D 394 -5.21 13.49 -69.03
CA THR D 394 -6.37 14.36 -69.10
C THR D 394 -6.19 15.25 -70.32
N VAL D 395 -7.24 15.30 -71.15
CA VAL D 395 -7.41 16.34 -72.16
C VAL D 395 -8.74 17.05 -71.92
N ASN D 396 -8.67 18.35 -71.55
CA ASN D 396 -9.82 19.22 -71.31
C ASN D 396 -10.85 18.54 -70.40
N ASN D 397 -10.34 17.93 -69.34
CA ASN D 397 -11.14 17.32 -68.30
C ASN D 397 -11.78 16.01 -68.74
N LYS D 398 -11.41 15.48 -69.91
CA LYS D 398 -11.67 14.08 -70.23
C LYS D 398 -10.49 13.26 -69.69
N ARG D 399 -10.76 12.35 -68.75
CA ARG D 399 -9.77 11.40 -68.23
C ARG D 399 -9.73 10.18 -69.14
N THR D 400 -8.55 9.93 -69.74
CA THR D 400 -8.28 8.69 -70.47
C THR D 400 -7.04 8.04 -69.86
N PRO D 401 -7.01 6.71 -69.72
CA PRO D 401 -5.75 6.02 -69.38
C PRO D 401 -4.80 6.09 -70.57
N LEU D 402 -3.50 6.27 -70.33
CA LEU D 402 -2.47 6.23 -71.34
C LEU D 402 -1.48 5.15 -70.90
N GLN D 403 -1.25 4.18 -71.78
CA GLN D 403 -0.42 3.02 -71.47
C GLN D 403 0.93 3.15 -72.18
N PHE D 404 2.01 2.90 -71.41
CA PHE D 404 3.36 2.85 -71.91
C PHE D 404 3.69 1.37 -72.06
N THR D 405 4.20 1.02 -73.26
CA THR D 405 4.78 -0.32 -73.42
C THR D 405 6.25 -0.16 -73.79
N ASN D 406 7.13 -0.72 -72.95
CA ASN D 406 8.54 -0.72 -73.26
C ASN D 406 9.01 0.72 -73.48
N GLY D 407 8.48 1.65 -72.68
CA GLY D 407 8.95 3.02 -72.74
C GLY D 407 8.12 3.92 -73.66
N ARG D 408 7.20 3.33 -74.43
CA ARG D 408 6.60 4.14 -75.49
C ARG D 408 5.11 4.28 -75.25
N ALA D 409 4.62 5.50 -75.38
CA ALA D 409 3.18 5.72 -75.47
C ALA D 409 2.91 6.65 -76.67
N SER D 410 1.68 6.58 -77.21
CA SER D 410 1.31 7.60 -78.18
C SER D 410 -0.01 8.25 -77.82
N ILE D 411 -0.05 9.54 -78.15
CA ILE D 411 -1.22 10.39 -78.03
C ILE D 411 -1.56 11.00 -79.38
N ASP D 412 -2.82 11.43 -79.54
CA ASP D 412 -3.26 12.25 -80.67
C ASP D 412 -3.80 13.57 -80.13
N LEU D 413 -3.31 14.69 -80.67
CA LEU D 413 -3.70 16.03 -80.25
C LEU D 413 -4.20 16.87 -81.43
N ASN D 414 -5.31 17.58 -81.21
CA ASN D 414 -5.77 18.64 -82.10
C ASN D 414 -5.10 19.96 -81.69
N LYS D 415 -5.25 20.95 -82.57
CA LYS D 415 -4.74 22.30 -82.38
C LYS D 415 -5.09 22.79 -80.97
N ASP D 416 -4.06 23.25 -80.24
CA ASP D 416 -4.14 23.93 -78.95
C ASP D 416 -4.64 23.03 -77.81
N GLN D 417 -4.62 21.72 -78.02
CA GLN D 417 -4.94 20.81 -76.94
C GLN D 417 -3.68 20.47 -76.17
N THR D 418 -3.86 20.26 -74.85
CA THR D 418 -2.84 19.80 -73.93
C THR D 418 -3.28 18.46 -73.35
N ILE D 419 -2.36 17.51 -73.32
CA ILE D 419 -2.60 16.36 -72.48
C ILE D 419 -1.68 16.47 -71.26
N LYS D 420 -2.24 16.13 -70.09
CA LYS D 420 -1.48 16.15 -68.84
C LYS D 420 -1.43 14.73 -68.30
N ILE D 421 -0.22 14.19 -68.14
CA ILE D 421 -0.08 12.79 -67.74
C ILE D 421 0.43 12.77 -66.30
N ASP D 422 -0.38 12.23 -65.38
CA ASP D 422 -0.12 12.27 -63.94
C ASP D 422 0.55 11.00 -63.42
N GLY D 423 1.35 11.16 -62.35
CA GLY D 423 1.83 10.06 -61.54
C GLY D 423 3.02 9.31 -62.15
N LEU D 424 3.86 9.97 -62.96
CA LEU D 424 5.01 9.28 -63.55
C LEU D 424 6.14 9.19 -62.52
N PRO D 425 7.09 8.23 -62.65
CA PRO D 425 8.16 8.08 -61.67
C PRO D 425 9.01 9.36 -61.55
N LEU D 426 9.36 9.68 -60.31
CA LEU D 426 10.21 10.82 -60.01
C LEU D 426 11.59 10.58 -60.62
N ASP D 427 12.16 11.61 -61.29
CA ASP D 427 13.50 11.58 -61.87
C ASP D 427 13.61 10.69 -63.11
N SER D 428 12.47 10.39 -63.76
CA SER D 428 12.52 9.67 -65.02
C SER D 428 12.86 10.65 -66.16
N HIS D 429 13.21 10.16 -67.36
CA HIS D 429 13.59 11.04 -68.46
C HIS D 429 12.63 10.84 -69.64
N TYR D 430 12.15 11.94 -70.21
CA TYR D 430 11.19 11.83 -71.30
C TYR D 430 11.77 12.42 -72.59
N THR D 431 11.36 11.89 -73.75
CA THR D 431 11.48 12.62 -75.01
C THR D 431 10.14 12.56 -75.73
N VAL D 432 9.72 13.62 -76.40
CA VAL D 432 8.52 13.55 -77.23
C VAL D 432 8.90 13.73 -78.70
N GLU D 433 8.17 13.10 -79.62
CA GLU D 433 8.51 13.18 -81.03
C GLU D 433 7.27 12.91 -81.85
N GLU D 434 6.95 13.84 -82.77
CA GLU D 434 5.78 13.69 -83.62
C GLU D 434 6.02 12.56 -84.62
N GLU D 435 5.00 11.74 -84.86
CA GLU D 435 5.14 10.64 -85.82
C GLU D 435 5.30 11.21 -87.24
N THR D 436 6.14 10.57 -88.08
CA THR D 436 6.54 10.99 -89.42
C THR D 436 5.36 11.35 -90.32
N ASN D 437 4.28 10.55 -90.30
CA ASN D 437 3.11 10.71 -91.16
C ASN D 437 2.22 11.86 -90.72
N SER D 438 2.16 12.10 -89.41
CA SER D 438 1.45 13.25 -88.87
C SER D 438 2.14 14.56 -89.26
N SER D 439 3.48 14.52 -89.40
CA SER D 439 4.29 15.71 -89.59
C SER D 439 4.49 16.09 -91.07
N ARG D 440 4.07 15.22 -92.01
CA ARG D 440 4.31 15.49 -93.42
C ARG D 440 3.54 16.75 -93.85
N GLY D 441 4.23 17.64 -94.57
CA GLY D 441 3.69 18.90 -95.05
C GLY D 441 3.80 20.04 -94.02
N TYR D 442 4.28 19.72 -92.82
CA TYR D 442 4.40 20.66 -91.72
C TYR D 442 5.83 20.69 -91.22
N GLN D 443 6.31 21.90 -90.94
CA GLN D 443 7.58 22.06 -90.28
C GLN D 443 7.33 21.98 -88.77
N VAL D 444 8.01 21.02 -88.10
CA VAL D 444 7.78 20.72 -86.69
C VAL D 444 8.92 21.30 -85.86
N SER D 445 8.56 22.13 -84.89
CA SER D 445 9.51 22.55 -83.85
C SER D 445 8.99 22.15 -82.46
N TYR D 446 9.93 22.06 -81.50
CA TYR D 446 9.61 21.52 -80.18
C TYR D 446 10.18 22.46 -79.13
N GLU D 447 9.44 22.63 -78.02
CA GLU D 447 9.96 23.26 -76.81
C GLU D 447 10.03 22.23 -75.69
N ASN D 448 11.23 22.02 -75.13
CA ASN D 448 11.49 21.04 -74.07
C ASN D 448 11.13 19.66 -74.58
N GLN D 449 11.68 19.32 -75.74
CA GLN D 449 11.47 18.02 -76.36
C GLN D 449 11.94 16.91 -75.44
N GLU D 450 13.04 17.13 -74.71
CA GLU D 450 13.53 16.18 -73.73
C GLU D 450 13.59 16.86 -72.36
N GLY D 451 13.62 16.05 -71.29
CA GLY D 451 13.68 16.59 -69.94
C GLY D 451 13.70 15.47 -68.91
N LYS D 452 14.05 15.88 -67.70
CA LYS D 452 13.98 15.03 -66.53
C LYS D 452 12.72 15.37 -65.72
N LEU D 453 11.97 14.35 -65.34
CA LEU D 453 10.76 14.53 -64.55
C LEU D 453 11.09 14.61 -63.05
N ASP D 454 11.70 15.74 -62.67
CA ASP D 454 12.01 16.01 -61.27
C ASP D 454 10.99 16.94 -60.62
N GLY D 455 9.93 17.25 -61.37
CA GLY D 455 8.82 18.15 -61.07
C GLY D 455 7.97 18.20 -62.33
N ASP D 456 6.87 18.96 -62.33
CA ASP D 456 6.00 19.01 -63.49
C ASP D 456 6.72 19.66 -64.68
N LYS D 457 6.63 19.01 -65.85
CA LYS D 457 7.25 19.49 -67.07
C LYS D 457 6.21 19.62 -68.17
N SER D 458 6.54 20.47 -69.16
CA SER D 458 5.71 20.80 -70.30
C SER D 458 6.55 20.79 -71.56
N ALA D 459 6.06 20.05 -72.55
CA ALA D 459 6.67 19.97 -73.86
C ALA D 459 5.68 20.58 -74.86
N THR D 460 6.17 21.33 -75.85
CA THR D 460 5.28 21.88 -76.88
C THR D 460 5.74 21.41 -78.26
N VAL D 461 4.79 20.89 -79.02
CA VAL D 461 5.03 20.56 -80.42
C VAL D 461 4.35 21.62 -81.28
N THR D 462 5.14 22.29 -82.13
CA THR D 462 4.63 23.34 -83.00
C THR D 462 4.67 22.86 -84.45
N ASN D 463 3.48 22.84 -85.07
CA ASN D 463 3.27 22.42 -86.45
C ASN D 463 2.97 23.64 -87.32
N ASN D 464 3.91 23.95 -88.22
CA ASN D 464 3.77 25.08 -89.11
C ASN D 464 3.51 24.57 -90.54
#